data_3A4W
#
_entry.id   3A4W
#
_cell.length_a   90.005
_cell.length_b   91.985
_cell.length_c   107.499
_cell.angle_alpha   90.00
_cell.angle_beta   90.00
_cell.angle_gamma   90.00
#
_symmetry.space_group_name_H-M   'P 21 21 21'
#
loop_
_entity.id
_entity.type
_entity.pdbx_description
1 polymer Chitinase
2 branched 2-acetamido-2-deoxy-beta-D-glucopyranose-(1-4)-2-acetamido-2-deoxy-beta-D-glucopyranose-(1-4)-2-acetamido-2-deoxy-beta-D-glucopyranose-(1-4)-2-acetamido-2-deoxy-beta-D-glucopyranose-(1-4)-2-acetamido-2-deoxy-beta-D-glucopyranose
3 non-polymer 'MAGNESIUM ION'
4 non-polymer 'SULFATE ION'
5 water water
#
_entity_poly.entity_id   1
_entity_poly.type   'polypeptide(L)'
_entity_poly.pdbx_seq_one_letter_code
;GPNANPIPEHFFAPYIDMSLSVHKPLVEYAKLTGTKYFTLAFILYSSVYNGPAWAGSIPLEKFVDEVRELREIGGEVIIA
FGGAVGPYLCQQASTPEQLAEWYIKVIDTYNATYLDFDIAAGIDADKLADALLIVQRERPWVKFSFTLPSDPGIGLAGGY
GIIETMAKKGVRVDRVNPMTMDYYWTPSNAENAIKVAENVFRQLKQIYPEKSDEEIWKMIGLTPMIGVNDDKSVFTLEDA
QQLVDWAIQHKIGSLAFWSVDRDHPGPTGEVSPLHRGTNDPDWAFSHVFVKFMEAFGYTFSAQTSEASVPT
;
_entity_poly.pdbx_strand_id   A,B
#
loop_
_chem_comp.id
_chem_comp.type
_chem_comp.name
_chem_comp.formula
MG non-polymer 'MAGNESIUM ION' 'Mg 2'
NAG D-saccharide, beta linking 2-acetamido-2-deoxy-beta-D-glucopyranose 'C8 H15 N O6'
SO4 non-polymer 'SULFATE ION' 'O4 S -2'
#
# COMPACT_ATOMS: atom_id res chain seq x y z
N GLY A 1 17.90 11.31 -28.51
CA GLY A 1 17.01 12.43 -28.92
C GLY A 1 17.12 13.61 -27.97
N PRO A 2 16.69 14.81 -28.41
CA PRO A 2 16.71 16.01 -27.60
C PRO A 2 16.54 15.74 -26.11
N ASN A 3 15.43 15.09 -25.73
CA ASN A 3 15.37 14.64 -24.36
C ASN A 3 15.40 13.12 -24.24
N ALA A 4 14.46 12.41 -24.87
CA ALA A 4 14.43 10.94 -24.74
C ALA A 4 15.71 10.23 -25.22
N ASN A 5 16.11 9.17 -24.51
CA ASN A 5 17.35 8.44 -24.82
C ASN A 5 17.10 7.01 -25.30
N PRO A 6 18.07 6.40 -26.01
CA PRO A 6 17.91 5.02 -26.44
C PRO A 6 17.98 4.02 -25.27
N ILE A 7 17.15 2.99 -25.33
CA ILE A 7 17.22 1.88 -24.38
C ILE A 7 17.97 0.77 -25.11
N PRO A 8 18.90 0.08 -24.43
CA PRO A 8 19.69 -0.96 -25.11
C PRO A 8 18.83 -2.10 -25.62
N GLU A 9 19.35 -2.81 -26.63
CA GLU A 9 18.66 -3.96 -27.20
C GLU A 9 18.36 -5.03 -26.16
N HIS A 10 19.28 -5.21 -25.20
CA HIS A 10 19.10 -6.11 -24.06
C HIS A 10 19.19 -5.24 -22.82
N PHE A 11 18.06 -5.04 -22.15
CA PHE A 11 18.03 -4.05 -21.07
C PHE A 11 17.59 -4.61 -19.74
N PHE A 12 18.00 -3.91 -18.67
CA PHE A 12 17.56 -4.22 -17.30
C PHE A 12 16.93 -2.94 -16.73
N ALA A 13 15.62 -2.99 -16.48
CA ALA A 13 14.87 -1.82 -16.01
C ALA A 13 13.98 -2.21 -14.83
N PRO A 14 14.58 -2.32 -13.64
CA PRO A 14 13.83 -2.80 -12.48
C PRO A 14 12.75 -1.81 -12.04
N TYR A 15 11.75 -2.33 -11.32
CA TYR A 15 10.58 -1.54 -10.90
C TYR A 15 10.92 -0.66 -9.70
N ILE A 16 10.44 0.58 -9.73
CA ILE A 16 10.47 1.45 -8.56
C ILE A 16 9.03 1.82 -8.23
N ASP A 17 8.61 1.54 -7.00
CA ASP A 17 7.32 2.03 -6.51
C ASP A 17 7.50 3.51 -6.14
N MET A 18 7.03 4.38 -7.03
CA MET A 18 7.27 5.81 -6.94
C MET A 18 6.61 6.46 -5.72
N SER A 19 5.63 5.78 -5.14
CA SER A 19 4.83 6.34 -4.05
C SER A 19 5.44 6.18 -2.65
N LEU A 20 6.54 5.43 -2.53
CA LEU A 20 7.12 5.16 -1.21
C LEU A 20 7.77 6.40 -0.61
N SER A 21 7.68 6.55 0.71
CA SER A 21 8.28 7.73 1.37
C SER A 21 9.80 7.72 1.28
N VAL A 22 10.39 6.54 1.11
CA VAL A 22 11.85 6.38 0.99
C VAL A 22 12.38 6.84 -0.36
N HIS A 23 11.48 7.19 -1.29
CA HIS A 23 11.85 7.45 -2.69
C HIS A 23 13.04 8.40 -2.85
N LYS A 24 14.07 7.93 -3.56
CA LYS A 24 15.21 8.76 -3.91
C LYS A 24 15.05 9.32 -5.34
N PRO A 25 15.80 10.39 -5.65
CA PRO A 25 15.82 10.78 -7.07
C PRO A 25 16.30 9.64 -7.97
N LEU A 26 15.72 9.55 -9.16
CA LEU A 26 16.11 8.51 -10.12
C LEU A 26 17.61 8.51 -10.41
N VAL A 27 18.23 9.69 -10.53
CA VAL A 27 19.68 9.72 -10.79
C VAL A 27 20.49 9.08 -9.68
N GLU A 28 20.00 9.22 -8.45
CA GLU A 28 20.66 8.59 -7.31
C GLU A 28 20.51 7.09 -7.36
N TYR A 29 19.31 6.59 -7.70
CA TYR A 29 19.15 5.15 -7.88
C TYR A 29 20.08 4.63 -8.97
N ALA A 30 20.25 5.40 -10.04
CA ALA A 30 21.14 5.00 -11.13
C ALA A 30 22.56 4.77 -10.60
N LYS A 31 23.06 5.73 -9.81
CA LYS A 31 24.37 5.62 -9.20
C LYS A 31 24.49 4.38 -8.30
N LEU A 32 23.47 4.14 -7.49
CA LEU A 32 23.53 3.07 -6.50
C LEU A 32 23.33 1.68 -7.12
N THR A 33 22.37 1.57 -8.04
CA THR A 33 22.05 0.28 -8.64
C THR A 33 22.99 -0.09 -9.79
N GLY A 34 23.54 0.92 -10.46
CA GLY A 34 24.34 0.70 -11.67
C GLY A 34 23.56 0.65 -12.97
N THR A 35 22.22 0.70 -12.91
CA THR A 35 21.40 0.82 -14.13
C THR A 35 20.79 2.22 -14.24
N LYS A 36 20.79 2.79 -15.43
CA LYS A 36 20.12 4.08 -15.61
C LYS A 36 18.77 3.92 -16.33
N TYR A 37 18.22 2.70 -16.30
CA TYR A 37 16.88 2.43 -16.85
C TYR A 37 16.00 1.88 -15.76
N PHE A 38 14.79 2.42 -15.62
CA PHE A 38 13.86 1.95 -14.58
C PHE A 38 12.45 1.85 -15.12
N THR A 39 11.65 0.97 -14.52
CA THR A 39 10.23 0.92 -14.80
C THR A 39 9.53 1.62 -13.63
N LEU A 40 8.81 2.69 -13.93
CA LEU A 40 8.21 3.53 -12.87
C LEU A 40 6.80 3.03 -12.59
N ALA A 41 6.55 2.64 -11.34
CA ALA A 41 5.28 1.98 -10.96
C ALA A 41 4.51 2.79 -9.90
N PHE A 42 3.17 2.81 -9.90
CA PHE A 42 2.28 2.40 -10.98
C PHE A 42 1.33 3.55 -11.21
N ILE A 43 0.89 3.71 -12.45
CA ILE A 43 -0.23 4.61 -12.73
C ILE A 43 -1.54 3.85 -12.56
N LEU A 44 -2.45 4.43 -11.79
CA LEU A 44 -3.78 3.88 -11.59
C LEU A 44 -4.82 4.98 -11.78
N TYR A 45 -6.09 4.59 -11.75
CA TYR A 45 -7.19 5.56 -11.82
C TYR A 45 -7.38 6.23 -10.47
N SER A 46 -7.31 7.56 -10.46
CA SER A 46 -7.65 8.37 -9.29
C SER A 46 -9.07 8.96 -9.43
N SER A 47 -9.93 8.69 -8.44
CA SER A 47 -11.26 9.31 -8.42
C SER A 47 -11.16 10.82 -8.20
N VAL A 48 -10.20 11.22 -7.36
CA VAL A 48 -9.96 12.63 -7.04
C VAL A 48 -9.59 13.43 -8.31
N TYR A 49 -8.73 12.86 -9.12
CA TYR A 49 -8.31 13.52 -10.36
C TYR A 49 -9.09 13.11 -11.59
N ASN A 50 -10.00 12.15 -11.43
CA ASN A 50 -10.71 11.52 -12.55
C ASN A 50 -9.79 11.19 -13.72
N GLY A 51 -8.67 10.56 -13.40
CA GLY A 51 -7.72 10.20 -14.42
C GLY A 51 -6.48 9.61 -13.79
N PRO A 52 -5.39 9.53 -14.58
CA PRO A 52 -4.19 8.83 -14.16
C PRO A 52 -3.45 9.53 -13.03
N ALA A 53 -2.95 8.74 -12.08
CA ALA A 53 -2.17 9.26 -10.95
C ALA A 53 -1.32 8.14 -10.39
N TRP A 54 -0.18 8.48 -9.78
CA TRP A 54 0.65 7.46 -9.12
C TRP A 54 -0.08 6.85 -7.93
N ALA A 55 -0.11 5.51 -7.87
CA ALA A 55 -0.78 4.77 -6.80
C ALA A 55 -2.29 5.08 -6.73
N GLY A 56 -2.79 5.71 -7.78
CA GLY A 56 -4.19 6.13 -7.86
C GLY A 56 -4.53 7.35 -7.02
N SER A 57 -3.52 8.11 -6.60
CA SER A 57 -3.76 9.25 -5.69
C SER A 57 -2.74 10.41 -5.75
N ILE A 58 -1.58 10.19 -6.37
CA ILE A 58 -0.48 11.16 -6.33
C ILE A 58 -0.39 11.86 -7.71
N PRO A 59 -0.30 13.22 -7.74
CA PRO A 59 -0.33 13.94 -9.02
C PRO A 59 0.59 13.35 -10.08
N LEU A 60 0.05 13.18 -11.28
CA LEU A 60 0.76 12.55 -12.40
C LEU A 60 2.12 13.20 -12.68
N GLU A 61 2.15 14.53 -12.62
CA GLU A 61 3.34 15.29 -13.02
C GLU A 61 4.45 15.35 -11.95
N LYS A 62 4.26 14.69 -10.81
CA LYS A 62 5.19 14.86 -9.67
C LYS A 62 6.65 14.54 -10.02
N PHE A 63 6.86 13.53 -10.87
CA PHE A 63 8.20 13.02 -11.12
C PHE A 63 8.81 13.45 -12.44
N VAL A 64 8.20 14.44 -13.08
CA VAL A 64 8.72 14.92 -14.38
C VAL A 64 10.16 15.40 -14.27
N ASP A 65 10.45 16.22 -13.25
CA ASP A 65 11.82 16.72 -13.10
C ASP A 65 12.84 15.61 -12.85
N GLU A 66 12.47 14.58 -12.07
CA GLU A 66 13.37 13.44 -11.83
C GLU A 66 13.72 12.72 -13.12
N VAL A 67 12.72 12.56 -14.00
CA VAL A 67 12.95 11.89 -15.28
C VAL A 67 13.87 12.75 -16.15
N ARG A 68 13.64 14.07 -16.15
CA ARG A 68 14.52 14.98 -16.89
C ARG A 68 15.98 14.85 -16.42
N GLU A 69 16.19 14.79 -15.11
CA GLU A 69 17.55 14.66 -14.59
C GLU A 69 18.17 13.30 -14.94
N LEU A 70 17.37 12.23 -14.92
CA LEU A 70 17.88 10.93 -15.36
C LEU A 70 18.31 10.96 -16.84
N ARG A 71 17.53 11.67 -17.67
CA ARG A 71 17.83 11.76 -19.10
C ARG A 71 19.15 12.51 -19.34
N GLU A 72 19.50 13.41 -18.43
CA GLU A 72 20.79 14.12 -18.51
C GLU A 72 22.01 13.21 -18.39
N ILE A 73 21.86 12.02 -17.81
CA ILE A 73 22.97 11.05 -17.77
C ILE A 73 22.78 9.89 -18.78
N GLY A 74 21.85 10.09 -19.70
CA GLY A 74 21.59 9.14 -20.78
C GLY A 74 20.60 8.05 -20.39
N GLY A 75 19.98 8.21 -19.21
CA GLY A 75 18.99 7.24 -18.75
C GLY A 75 17.64 7.38 -19.41
N GLU A 76 16.75 6.42 -19.14
CA GLU A 76 15.41 6.43 -19.76
C GLU A 76 14.49 5.58 -18.90
N VAL A 77 13.18 5.76 -19.07
CA VAL A 77 12.22 5.05 -18.23
C VAL A 77 11.16 4.33 -19.05
N ILE A 78 10.52 3.37 -18.40
CA ILE A 78 9.32 2.71 -18.91
C ILE A 78 8.25 3.08 -17.88
N ILE A 79 7.08 3.54 -18.31
CA ILE A 79 6.01 3.89 -17.36
C ILE A 79 5.04 2.74 -17.24
N ALA A 80 4.80 2.27 -16.01
CA ALA A 80 3.95 1.10 -15.78
C ALA A 80 2.59 1.47 -15.24
N PHE A 81 1.59 0.75 -15.73
CA PHE A 81 0.19 0.89 -15.34
C PHE A 81 -0.20 -0.40 -14.66
N GLY A 82 -1.01 -0.32 -13.60
CA GLY A 82 -1.62 -1.54 -13.08
C GLY A 82 -0.94 -2.04 -11.81
N GLY A 83 -0.58 -3.33 -11.79
CA GLY A 83 0.07 -3.92 -10.61
C GLY A 83 -0.92 -4.65 -9.69
N ALA A 84 -0.46 -5.00 -8.50
CA ALA A 84 -1.25 -5.88 -7.61
C ALA A 84 -2.57 -5.26 -7.13
N VAL A 85 -2.59 -3.95 -6.98
CA VAL A 85 -3.70 -3.22 -6.38
C VAL A 85 -4.36 -2.33 -7.42
N GLY A 86 -5.68 -2.45 -7.58
CA GLY A 86 -6.43 -1.55 -8.49
C GLY A 86 -6.79 -0.22 -7.84
N PRO A 87 -7.66 0.60 -8.50
CA PRO A 87 -8.37 0.31 -9.75
C PRO A 87 -7.56 0.75 -10.98
N TYR A 88 -7.53 -0.09 -12.01
CA TYR A 88 -6.79 0.24 -13.22
C TYR A 88 -7.56 1.26 -14.07
N LEU A 89 -6.84 2.08 -14.83
CA LEU A 89 -7.47 2.93 -15.83
C LEU A 89 -8.34 2.11 -16.79
N CYS A 90 -7.84 0.96 -17.22
CA CYS A 90 -8.56 0.13 -18.19
C CYS A 90 -9.80 -0.53 -17.59
N GLN A 91 -9.91 -0.51 -16.26
CA GLN A 91 -11.10 -1.00 -15.57
C GLN A 91 -12.14 0.12 -15.42
N GLN A 92 -11.66 1.32 -15.08
CA GLN A 92 -12.53 2.46 -14.83
C GLN A 92 -13.06 3.12 -16.11
N ALA A 93 -12.25 3.14 -17.17
CA ALA A 93 -12.65 3.85 -18.40
C ALA A 93 -13.92 3.23 -18.98
N SER A 94 -14.87 4.08 -19.38
CA SER A 94 -16.13 3.57 -19.94
C SER A 94 -16.03 3.24 -21.44
N THR A 95 -15.12 3.89 -22.16
CA THR A 95 -14.92 3.67 -23.58
C THR A 95 -13.42 3.52 -23.87
N PRO A 96 -13.06 2.87 -25.00
CA PRO A 96 -11.66 2.82 -25.42
C PRO A 96 -11.09 4.21 -25.68
N GLU A 97 -11.94 5.14 -26.13
CA GLU A 97 -11.51 6.53 -26.40
C GLU A 97 -11.06 7.23 -25.12
N GLN A 98 -11.84 7.08 -24.05
CA GLN A 98 -11.49 7.67 -22.77
C GLN A 98 -10.17 7.06 -22.26
N LEU A 99 -10.06 5.75 -22.39
CA LEU A 99 -8.86 5.02 -21.95
C LEU A 99 -7.62 5.50 -22.72
N ALA A 100 -7.76 5.61 -24.05
CA ALA A 100 -6.64 6.08 -24.87
C ALA A 100 -6.23 7.50 -24.51
N GLU A 101 -7.21 8.38 -24.25
CA GLU A 101 -6.93 9.74 -23.81
C GLU A 101 -6.07 9.76 -22.54
N TRP A 102 -6.41 8.90 -21.59
CA TRP A 102 -5.66 8.78 -20.36
C TRP A 102 -4.23 8.31 -20.60
N TYR A 103 -4.06 7.25 -21.38
CA TYR A 103 -2.73 6.75 -21.72
C TYR A 103 -1.91 7.82 -22.42
N ILE A 104 -2.54 8.54 -23.35
CA ILE A 104 -1.84 9.58 -24.11
C ILE A 104 -1.42 10.75 -23.20
N LYS A 105 -2.24 11.07 -22.21
CA LYS A 105 -1.90 12.12 -21.24
C LYS A 105 -0.61 11.74 -20.49
N VAL A 106 -0.47 10.46 -20.16
CA VAL A 106 0.73 9.98 -19.48
C VAL A 106 1.94 10.04 -20.40
N ILE A 107 1.78 9.58 -21.64
CA ILE A 107 2.85 9.65 -22.64
C ILE A 107 3.35 11.09 -22.80
N ASP A 108 2.41 12.02 -22.97
CA ASP A 108 2.75 13.41 -23.24
C ASP A 108 3.37 14.09 -22.03
N THR A 109 2.94 13.71 -20.82
CA THR A 109 3.48 14.32 -19.59
C THR A 109 4.94 13.97 -19.39
N TYR A 110 5.30 12.74 -19.74
CA TYR A 110 6.65 12.24 -19.52
C TYR A 110 7.51 12.17 -20.77
N ASN A 111 6.96 12.56 -21.93
CA ASN A 111 7.60 12.27 -23.22
C ASN A 111 8.01 10.78 -23.25
N ALA A 112 7.09 9.91 -22.84
CA ALA A 112 7.40 8.48 -22.72
C ALA A 112 7.63 7.84 -24.06
N THR A 113 8.51 6.84 -24.09
CA THR A 113 8.79 6.10 -25.32
C THR A 113 8.44 4.62 -25.15
N TYR A 114 8.03 4.25 -23.94
CA TYR A 114 7.77 2.84 -23.63
C TYR A 114 6.75 2.81 -22.49
N LEU A 115 5.64 2.09 -22.69
CA LEU A 115 4.64 1.89 -21.63
C LEU A 115 4.60 0.40 -21.26
N ASP A 116 4.31 0.12 -19.99
CA ASP A 116 4.23 -1.27 -19.49
C ASP A 116 2.83 -1.47 -18.89
N PHE A 117 2.09 -2.44 -19.42
CA PHE A 117 0.75 -2.74 -18.91
C PHE A 117 0.87 -3.97 -18.05
N ASP A 118 0.85 -3.70 -16.75
CA ASP A 118 1.10 -4.70 -15.72
C ASP A 118 -0.25 -5.23 -15.23
N ILE A 119 -0.76 -6.25 -15.89
CA ILE A 119 -2.16 -6.60 -15.72
C ILE A 119 -2.24 -7.86 -14.86
N ALA A 120 -2.61 -7.68 -13.61
CA ALA A 120 -2.67 -8.78 -12.64
C ALA A 120 -4.07 -8.91 -12.05
N ALA A 121 -5.07 -8.59 -12.85
CA ALA A 121 -6.48 -8.65 -12.45
C ALA A 121 -7.30 -8.87 -13.69
N GLY A 122 -8.57 -9.25 -13.52
CA GLY A 122 -9.50 -9.40 -14.64
C GLY A 122 -9.76 -8.07 -15.31
N ILE A 123 -9.66 -8.05 -16.64
CA ILE A 123 -9.94 -6.85 -17.42
C ILE A 123 -10.71 -7.21 -18.70
N ASP A 124 -11.20 -6.19 -19.40
CA ASP A 124 -11.82 -6.36 -20.69
C ASP A 124 -10.72 -6.15 -21.73
N ALA A 125 -10.17 -7.26 -22.23
CA ALA A 125 -9.03 -7.22 -23.15
C ALA A 125 -9.37 -6.56 -24.48
N ASP A 126 -10.62 -6.73 -24.91
CA ASP A 126 -11.11 -6.09 -26.14
C ASP A 126 -11.05 -4.58 -26.06
N LYS A 127 -11.48 -4.02 -24.92
CA LYS A 127 -11.49 -2.58 -24.67
C LYS A 127 -10.05 -2.05 -24.61
N LEU A 128 -9.19 -2.79 -23.90
CA LEU A 128 -7.77 -2.43 -23.87
C LEU A 128 -7.18 -2.38 -25.28
N ALA A 129 -7.41 -3.41 -26.08
CA ALA A 129 -6.87 -3.48 -27.43
C ALA A 129 -7.38 -2.33 -28.28
N ASP A 130 -8.68 -2.02 -28.17
CA ASP A 130 -9.24 -0.88 -28.91
C ASP A 130 -8.61 0.45 -28.51
N ALA A 131 -8.34 0.63 -27.21
CA ALA A 131 -7.66 1.82 -26.74
C ALA A 131 -6.23 1.88 -27.29
N LEU A 132 -5.54 0.74 -27.27
CA LEU A 132 -4.14 0.72 -27.72
C LEU A 132 -4.01 0.92 -29.23
N LEU A 133 -5.02 0.51 -29.98
CA LEU A 133 -5.05 0.83 -31.42
C LEU A 133 -5.04 2.34 -31.64
N ILE A 134 -5.78 3.08 -30.82
CA ILE A 134 -5.79 4.55 -30.88
C ILE A 134 -4.41 5.10 -30.45
N VAL A 135 -3.88 4.60 -29.33
CA VAL A 135 -2.59 5.08 -28.83
C VAL A 135 -1.48 4.91 -29.87
N GLN A 136 -1.37 3.72 -30.47
CA GLN A 136 -0.30 3.48 -31.41
C GLN A 136 -0.46 4.28 -32.71
N ARG A 137 -1.70 4.58 -33.08
CA ARG A 137 -1.94 5.47 -34.22
C ARG A 137 -1.52 6.91 -33.93
N GLU A 138 -1.87 7.41 -32.74
CA GLU A 138 -1.59 8.80 -32.40
C GLU A 138 -0.16 9.04 -31.91
N ARG A 139 0.45 8.02 -31.29
CA ARG A 139 1.82 8.10 -30.77
C ARG A 139 2.63 6.92 -31.28
N PRO A 140 2.94 6.92 -32.60
CA PRO A 140 3.52 5.70 -33.20
C PRO A 140 4.95 5.36 -32.78
N TRP A 141 5.59 6.22 -32.00
CA TRP A 141 6.98 5.96 -31.53
C TRP A 141 7.04 5.25 -30.18
N VAL A 142 5.88 4.95 -29.60
CA VAL A 142 5.82 4.42 -28.23
C VAL A 142 5.69 2.90 -28.26
N LYS A 143 6.60 2.20 -27.59
CA LYS A 143 6.58 0.74 -27.52
C LYS A 143 5.64 0.30 -26.40
N PHE A 144 5.04 -0.89 -26.57
CA PHE A 144 4.15 -1.46 -25.54
C PHE A 144 4.72 -2.74 -24.96
N SER A 145 4.76 -2.81 -23.63
CA SER A 145 5.20 -4.00 -22.89
C SER A 145 3.99 -4.51 -22.12
N PHE A 146 3.87 -5.84 -21.99
CA PHE A 146 2.81 -6.46 -21.20
C PHE A 146 3.45 -7.33 -20.12
N THR A 147 3.19 -6.97 -18.87
CA THR A 147 3.79 -7.66 -17.73
C THR A 147 2.68 -8.42 -17.04
N LEU A 148 2.85 -9.72 -16.89
CA LEU A 148 1.71 -10.58 -16.58
C LEU A 148 2.06 -11.69 -15.59
N PRO A 149 1.09 -12.12 -14.78
CA PRO A 149 1.34 -13.25 -13.90
C PRO A 149 1.74 -14.51 -14.68
N SER A 150 2.57 -15.35 -14.06
CA SER A 150 3.03 -16.55 -14.71
C SER A 150 3.24 -17.69 -13.71
N ASP A 151 3.37 -18.91 -14.23
CA ASP A 151 3.49 -20.10 -13.38
C ASP A 151 4.28 -21.15 -14.18
N PRO A 152 5.18 -21.89 -13.53
CA PRO A 152 6.06 -22.80 -14.26
C PRO A 152 5.36 -24.03 -14.85
N GLY A 153 4.10 -24.26 -14.50
CA GLY A 153 3.34 -25.34 -15.14
C GLY A 153 2.60 -24.88 -16.39
N ILE A 154 2.49 -23.56 -16.61
CA ILE A 154 1.63 -23.07 -17.69
C ILE A 154 2.18 -21.93 -18.55
N GLY A 155 3.18 -21.20 -18.04
CA GLY A 155 3.59 -19.94 -18.66
C GLY A 155 2.65 -18.83 -18.22
N LEU A 156 2.14 -18.06 -19.16
CA LEU A 156 1.09 -17.08 -18.86
C LEU A 156 -0.23 -17.79 -18.56
N ALA A 157 -1.05 -17.18 -17.71
CA ALA A 157 -2.40 -17.71 -17.39
C ALA A 157 -3.44 -16.96 -18.23
N GLY A 158 -4.40 -16.29 -17.59
CA GLY A 158 -5.38 -15.48 -18.36
C GLY A 158 -4.74 -14.38 -19.18
N GLY A 159 -3.57 -13.91 -18.73
CA GLY A 159 -2.74 -12.98 -19.51
C GLY A 159 -2.46 -13.44 -20.93
N TYR A 160 -2.44 -14.75 -21.17
CA TYR A 160 -2.21 -15.25 -22.53
C TYR A 160 -3.29 -14.77 -23.48
N GLY A 161 -4.54 -14.74 -22.99
CA GLY A 161 -5.66 -14.24 -23.80
C GLY A 161 -5.48 -12.77 -24.15
N ILE A 162 -4.81 -12.01 -23.26
CA ILE A 162 -4.58 -10.59 -23.54
C ILE A 162 -3.64 -10.46 -24.74
N ILE A 163 -2.56 -11.23 -24.75
CA ILE A 163 -1.61 -11.19 -25.87
C ILE A 163 -2.28 -11.70 -27.17
N GLU A 164 -3.06 -12.78 -27.05
CA GLU A 164 -3.79 -13.29 -28.23
C GLU A 164 -4.67 -12.21 -28.84
N THR A 165 -5.33 -11.44 -27.98
CA THR A 165 -6.23 -10.37 -28.40
C THR A 165 -5.45 -9.24 -29.08
N MET A 166 -4.34 -8.83 -28.45
CA MET A 166 -3.47 -7.84 -29.06
C MET A 166 -3.02 -8.23 -30.46
N ALA A 167 -2.51 -9.45 -30.60
CA ALA A 167 -2.02 -9.93 -31.89
C ALA A 167 -3.12 -9.94 -32.95
N LYS A 168 -4.28 -10.47 -32.59
CA LYS A 168 -5.42 -10.50 -33.53
C LYS A 168 -5.89 -9.10 -33.96
N LYS A 169 -5.92 -8.15 -33.03
CA LYS A 169 -6.38 -6.79 -33.29
C LYS A 169 -5.36 -5.94 -34.04
N GLY A 170 -4.11 -6.40 -34.07
CA GLY A 170 -3.02 -5.69 -34.70
C GLY A 170 -2.39 -4.63 -33.80
N VAL A 171 -2.42 -4.85 -32.48
CA VAL A 171 -1.74 -3.97 -31.52
C VAL A 171 -0.30 -4.44 -31.39
N ARG A 172 0.66 -3.51 -31.48
CA ARG A 172 2.06 -3.87 -31.35
C ARG A 172 2.33 -4.51 -29.97
N VAL A 173 3.11 -5.56 -29.98
CA VAL A 173 3.54 -6.20 -28.73
C VAL A 173 5.06 -6.26 -28.78
N ASP A 174 5.69 -5.30 -28.11
CA ASP A 174 7.15 -5.20 -28.15
C ASP A 174 7.85 -6.08 -27.12
N ARG A 175 7.14 -6.36 -26.02
CA ARG A 175 7.71 -7.10 -24.89
C ARG A 175 6.60 -7.81 -24.14
N VAL A 176 6.87 -9.07 -23.79
CA VAL A 176 6.01 -9.88 -22.95
C VAL A 176 6.89 -10.30 -21.77
N ASN A 177 6.47 -9.89 -20.57
CA ASN A 177 7.33 -9.91 -19.41
C ASN A 177 6.64 -10.67 -18.26
N PRO A 178 6.72 -12.02 -18.26
CA PRO A 178 6.12 -12.76 -17.15
C PRO A 178 6.74 -12.43 -15.80
N MET A 179 5.87 -12.35 -14.79
CA MET A 179 6.30 -12.15 -13.40
C MET A 179 6.57 -13.52 -12.80
N THR A 180 7.84 -13.85 -12.69
CA THR A 180 8.29 -15.18 -12.29
C THR A 180 8.41 -15.23 -10.77
N MET A 181 7.25 -15.20 -10.10
CA MET A 181 7.18 -15.01 -8.66
C MET A 181 5.85 -15.53 -8.14
N ASP A 182 5.80 -15.81 -6.84
CA ASP A 182 4.53 -15.99 -6.12
C ASP A 182 3.67 -17.08 -6.74
N TYR A 183 4.26 -18.25 -6.96
CA TYR A 183 3.50 -19.42 -7.47
C TYR A 183 2.67 -20.11 -6.38
N TYR A 184 3.12 -19.99 -5.13
CA TYR A 184 2.50 -20.62 -3.94
C TYR A 184 2.62 -22.15 -3.80
N TRP A 185 2.60 -22.88 -4.90
CA TRP A 185 2.70 -24.36 -4.84
C TRP A 185 4.12 -24.86 -5.09
N THR A 186 4.98 -23.96 -5.57
CA THR A 186 6.37 -24.30 -5.92
C THR A 186 7.22 -23.03 -5.74
N PRO A 187 8.53 -23.18 -5.42
CA PRO A 187 9.27 -21.98 -4.99
C PRO A 187 9.69 -21.05 -6.12
N SER A 188 9.85 -19.78 -5.79
CA SER A 188 10.32 -18.78 -6.75
C SER A 188 11.83 -18.83 -6.85
N ASN A 189 12.33 -19.66 -7.75
CA ASN A 189 13.78 -19.79 -7.93
C ASN A 189 14.16 -19.66 -9.41
N ALA A 190 15.43 -19.85 -9.73
CA ALA A 190 15.87 -19.73 -11.11
C ALA A 190 15.30 -20.85 -12.00
N GLU A 191 15.29 -22.08 -11.48
CA GLU A 191 14.78 -23.22 -12.25
C GLU A 191 13.33 -22.98 -12.71
N ASN A 192 12.49 -22.50 -11.80
CA ASN A 192 11.11 -22.24 -12.16
C ASN A 192 10.92 -21.03 -13.06
N ALA A 193 11.75 -20.00 -12.90
CA ALA A 193 11.70 -18.85 -13.81
C ALA A 193 12.06 -19.28 -15.24
N ILE A 194 13.03 -20.19 -15.36
CA ILE A 194 13.43 -20.71 -16.67
C ILE A 194 12.31 -21.56 -17.27
N LYS A 195 11.63 -22.35 -16.44
CA LYS A 195 10.48 -23.13 -16.94
C LYS A 195 9.38 -22.19 -17.44
N VAL A 196 9.14 -21.11 -16.71
CA VAL A 196 8.16 -20.10 -17.17
C VAL A 196 8.59 -19.56 -18.54
N ALA A 197 9.86 -19.19 -18.65
CA ALA A 197 10.37 -18.63 -19.91
C ALA A 197 10.15 -19.57 -21.09
N GLU A 198 10.42 -20.86 -20.88
CA GLU A 198 10.26 -21.85 -21.94
C GLU A 198 8.79 -22.02 -22.33
N ASN A 199 7.90 -21.96 -21.33
CA ASN A 199 6.46 -22.07 -21.59
C ASN A 199 5.94 -20.86 -22.35
N VAL A 200 6.39 -19.67 -21.95
CA VAL A 200 6.01 -18.43 -22.64
C VAL A 200 6.55 -18.43 -24.08
N PHE A 201 7.75 -18.97 -24.28
CA PHE A 201 8.30 -19.15 -25.63
C PHE A 201 7.31 -19.94 -26.51
N ARG A 202 6.85 -21.10 -26.01
CA ARG A 202 5.91 -21.94 -26.75
C ARG A 202 4.60 -21.20 -26.99
N GLN A 203 4.11 -20.50 -25.97
CA GLN A 203 2.90 -19.67 -26.10
C GLN A 203 3.00 -18.61 -27.18
N LEU A 204 4.13 -17.89 -27.22
CA LEU A 204 4.30 -16.84 -28.23
C LEU A 204 4.48 -17.41 -29.64
N LYS A 205 5.13 -18.57 -29.74
CA LYS A 205 5.24 -19.27 -31.02
C LYS A 205 3.90 -19.67 -31.60
N GLN A 206 2.95 -20.05 -30.73
CA GLN A 206 1.58 -20.37 -31.14
C GLN A 206 0.84 -19.15 -31.67
N ILE A 207 1.10 -17.96 -31.09
CA ILE A 207 0.46 -16.74 -31.55
C ILE A 207 1.15 -16.22 -32.82
N TYR A 208 2.48 -16.31 -32.84
CA TYR A 208 3.29 -15.72 -33.91
C TYR A 208 4.18 -16.80 -34.56
N PRO A 209 3.57 -17.77 -35.29
CA PRO A 209 4.35 -18.90 -35.77
C PRO A 209 5.37 -18.52 -36.85
N GLU A 210 5.19 -17.34 -37.45
CA GLU A 210 6.11 -16.81 -38.46
C GLU A 210 7.40 -16.24 -37.85
N LYS A 211 7.43 -16.02 -36.54
CA LYS A 211 8.64 -15.44 -35.93
C LYS A 211 9.69 -16.51 -35.70
N SER A 212 10.95 -16.13 -35.88
CA SER A 212 12.07 -17.01 -35.63
C SER A 212 12.25 -17.19 -34.13
N ASP A 213 13.02 -18.19 -33.73
CA ASP A 213 13.30 -18.43 -32.31
C ASP A 213 13.91 -17.19 -31.65
N GLU A 214 14.83 -16.55 -32.39
CA GLU A 214 15.52 -15.37 -31.88
C GLU A 214 14.58 -14.19 -31.72
N GLU A 215 13.63 -14.04 -32.66
CA GLU A 215 12.61 -12.99 -32.57
C GLU A 215 11.71 -13.19 -31.34
N ILE A 216 11.40 -14.46 -31.05
CA ILE A 216 10.58 -14.78 -29.86
C ILE A 216 11.34 -14.48 -28.57
N TRP A 217 12.58 -14.95 -28.44
CA TRP A 217 13.36 -14.64 -27.23
C TRP A 217 13.53 -13.12 -27.04
N LYS A 218 13.70 -12.39 -28.14
CA LYS A 218 13.83 -10.93 -28.06
C LYS A 218 12.59 -10.25 -27.48
N MET A 219 11.41 -10.81 -27.75
CA MET A 219 10.16 -10.29 -27.20
C MET A 219 10.01 -10.58 -25.71
N ILE A 220 10.74 -11.57 -25.19
CA ILE A 220 10.54 -12.01 -23.81
C ILE A 220 11.43 -11.25 -22.79
N GLY A 221 10.82 -10.89 -21.67
CA GLY A 221 11.53 -10.38 -20.51
C GLY A 221 11.14 -11.22 -19.32
N LEU A 222 11.97 -11.24 -18.28
CA LEU A 222 11.60 -11.96 -17.06
C LEU A 222 11.73 -11.04 -15.85
N THR A 223 10.74 -11.11 -14.96
CA THR A 223 10.71 -10.28 -13.76
C THR A 223 10.45 -11.08 -12.47
N PRO A 224 11.53 -11.43 -11.74
CA PRO A 224 11.37 -12.06 -10.42
C PRO A 224 11.12 -11.05 -9.32
N MET A 225 10.74 -11.57 -8.16
CA MET A 225 10.66 -10.79 -6.93
C MET A 225 11.88 -11.15 -6.12
N ILE A 226 12.73 -10.17 -5.82
CA ILE A 226 14.02 -10.49 -5.20
C ILE A 226 13.87 -10.89 -3.74
N GLY A 227 14.71 -11.81 -3.28
CA GLY A 227 14.65 -12.30 -1.89
C GLY A 227 13.31 -12.92 -1.54
N VAL A 228 12.80 -12.60 -0.36
CA VAL A 228 11.58 -13.27 0.10
C VAL A 228 10.40 -12.86 -0.79
N ASN A 229 9.64 -13.86 -1.24
CA ASN A 229 8.43 -13.59 -2.01
C ASN A 229 7.22 -13.62 -1.09
N ASP A 230 6.07 -13.15 -1.57
CA ASP A 230 4.86 -13.13 -0.73
C ASP A 230 4.47 -14.49 -0.20
N ASP A 231 4.80 -15.53 -0.96
CA ASP A 231 4.50 -16.92 -0.55
C ASP A 231 5.56 -17.54 0.37
N LYS A 232 6.55 -16.74 0.76
CA LYS A 232 7.62 -17.15 1.70
C LYS A 232 8.78 -17.92 1.07
N SER A 233 8.67 -18.30 -0.20
CA SER A 233 9.85 -18.84 -0.89
C SER A 233 10.83 -17.68 -1.10
N VAL A 234 12.09 -18.01 -1.37
CA VAL A 234 13.13 -16.98 -1.49
C VAL A 234 13.86 -17.10 -2.81
N PHE A 235 13.83 -16.02 -3.60
CA PHE A 235 14.61 -15.94 -4.83
C PHE A 235 15.98 -15.38 -4.42
N THR A 236 16.97 -16.27 -4.35
CA THR A 236 18.24 -15.91 -3.72
C THR A 236 19.18 -15.19 -4.67
N LEU A 237 20.28 -14.66 -4.13
CA LEU A 237 21.30 -14.05 -4.99
C LEU A 237 21.91 -15.08 -5.96
N GLU A 238 22.00 -16.34 -5.53
CA GLU A 238 22.43 -17.44 -6.40
C GLU A 238 21.44 -17.63 -7.57
N ASP A 239 20.15 -17.62 -7.26
CA ASP A 239 19.08 -17.68 -8.29
C ASP A 239 19.25 -16.52 -9.28
N ALA A 240 19.51 -15.33 -8.76
CA ALA A 240 19.69 -14.17 -9.61
C ALA A 240 20.82 -14.40 -10.60
N GLN A 241 21.97 -14.89 -10.11
CA GLN A 241 23.12 -15.14 -10.98
C GLN A 241 22.83 -16.22 -12.04
N GLN A 242 22.16 -17.30 -11.62
CA GLN A 242 21.79 -18.36 -12.56
C GLN A 242 20.85 -17.86 -13.64
N LEU A 243 19.87 -17.04 -13.25
CA LEU A 243 18.91 -16.52 -14.21
C LEU A 243 19.57 -15.56 -15.20
N VAL A 244 20.44 -14.70 -14.69
CA VAL A 244 21.19 -13.77 -15.55
C VAL A 244 22.02 -14.54 -16.57
N ASP A 245 22.73 -15.58 -16.12
CA ASP A 245 23.54 -16.36 -17.05
C ASP A 245 22.69 -17.05 -18.12
N TRP A 246 21.54 -17.59 -17.72
CA TRP A 246 20.61 -18.19 -18.66
C TRP A 246 20.08 -17.12 -19.65
N ALA A 247 19.71 -15.96 -19.14
CA ALA A 247 19.19 -14.87 -19.95
C ALA A 247 20.21 -14.37 -20.99
N ILE A 248 21.48 -14.28 -20.58
CA ILE A 248 22.55 -13.89 -21.51
C ILE A 248 22.69 -14.94 -22.60
N GLN A 249 22.71 -16.21 -22.19
CA GLN A 249 22.90 -17.31 -23.13
C GLN A 249 21.81 -17.32 -24.20
N HIS A 250 20.57 -17.05 -23.79
CA HIS A 250 19.43 -17.09 -24.70
C HIS A 250 19.12 -15.77 -25.41
N LYS A 251 19.93 -14.74 -25.12
CA LYS A 251 19.79 -13.41 -25.73
C LYS A 251 18.35 -12.92 -25.66
N ILE A 252 17.75 -13.04 -24.47
CA ILE A 252 16.38 -12.55 -24.31
C ILE A 252 16.39 -11.02 -24.28
N GLY A 253 15.22 -10.41 -24.46
CA GLY A 253 15.12 -8.96 -24.62
C GLY A 253 15.45 -8.16 -23.36
N SER A 254 15.04 -8.67 -22.19
CA SER A 254 15.12 -7.85 -21.00
C SER A 254 14.98 -8.62 -19.71
N LEU A 255 15.42 -7.98 -18.63
CA LEU A 255 15.15 -8.43 -17.26
C LEU A 255 14.64 -7.24 -16.46
N ALA A 256 13.90 -7.52 -15.40
CA ALA A 256 13.54 -6.50 -14.43
C ALA A 256 13.36 -7.26 -13.14
N PHE A 257 13.15 -6.54 -12.04
CA PHE A 257 12.75 -7.23 -10.82
C PHE A 257 11.90 -6.34 -9.93
N TRP A 258 11.17 -6.96 -9.01
CA TRP A 258 10.45 -6.23 -7.99
C TRP A 258 11.26 -6.34 -6.68
N SER A 259 11.85 -5.26 -6.18
CA SER A 259 11.81 -3.90 -6.73
C SER A 259 13.09 -3.23 -6.26
N VAL A 260 13.35 -2.03 -6.78
CA VAL A 260 14.57 -1.27 -6.41
C VAL A 260 14.63 -1.00 -4.90
N ASP A 261 13.52 -0.54 -4.31
CA ASP A 261 13.56 -0.19 -2.88
C ASP A 261 13.60 -1.39 -1.96
N ARG A 262 13.42 -2.58 -2.53
CA ARG A 262 13.57 -3.81 -1.76
C ARG A 262 15.01 -4.35 -1.80
N ASP A 263 15.90 -3.72 -2.55
CA ASP A 263 17.26 -4.27 -2.67
C ASP A 263 18.16 -3.86 -1.48
N HIS A 264 17.72 -4.21 -0.28
CA HIS A 264 18.42 -3.95 0.97
C HIS A 264 18.22 -5.15 1.86
N PRO A 265 19.20 -5.44 2.74
CA PRO A 265 18.98 -6.54 3.68
C PRO A 265 17.89 -6.18 4.68
N GLY A 266 17.23 -7.20 5.21
CA GLY A 266 16.21 -7.00 6.22
C GLY A 266 16.07 -8.26 7.06
N PRO A 267 15.29 -8.18 8.16
CA PRO A 267 15.03 -9.35 9.02
C PRO A 267 14.56 -10.53 8.19
N THR A 268 15.10 -11.70 8.50
CA THR A 268 14.94 -12.89 7.68
C THR A 268 13.47 -13.23 7.46
N GLY A 269 13.09 -13.36 6.19
CA GLY A 269 11.76 -13.85 5.80
C GLY A 269 10.63 -12.85 5.92
N GLU A 270 10.95 -11.61 6.28
CA GLU A 270 9.92 -10.57 6.41
C GLU A 270 9.64 -9.92 5.06
N VAL A 271 8.36 -9.86 4.70
CA VAL A 271 7.91 -9.25 3.43
C VAL A 271 7.67 -7.76 3.65
N SER A 272 8.35 -6.96 2.84
CA SER A 272 8.31 -5.51 2.99
C SER A 272 8.55 -4.86 1.63
N PRO A 273 7.99 -3.65 1.41
CA PRO A 273 8.36 -2.92 0.20
C PRO A 273 9.72 -2.18 0.34
N LEU A 274 10.36 -2.30 1.51
CA LEU A 274 11.55 -1.49 1.83
C LEU A 274 12.83 -2.29 1.98
N HIS A 275 12.71 -3.62 1.93
CA HIS A 275 13.86 -4.53 2.01
C HIS A 275 13.41 -5.89 1.47
N ARG A 276 14.33 -6.84 1.32
CA ARG A 276 13.99 -8.12 0.70
C ARG A 276 14.05 -9.32 1.65
N GLY A 277 14.19 -9.09 2.94
CA GLY A 277 14.16 -10.20 3.91
C GLY A 277 15.28 -11.23 3.78
N THR A 278 16.41 -10.83 3.19
CA THR A 278 17.63 -11.64 3.12
C THR A 278 18.80 -10.81 3.64
N ASN A 279 19.97 -11.42 3.78
CA ASN A 279 21.10 -10.68 4.33
C ASN A 279 22.08 -10.10 3.29
N ASP A 280 21.74 -10.18 2.00
CA ASP A 280 22.67 -9.65 0.99
C ASP A 280 22.83 -8.14 1.13
N PRO A 281 24.05 -7.63 0.88
CA PRO A 281 24.25 -6.19 1.10
C PRO A 281 23.41 -5.31 0.18
N ASP A 282 23.31 -4.02 0.53
CA ASP A 282 22.60 -3.04 -0.30
C ASP A 282 23.01 -3.17 -1.76
N TRP A 283 22.00 -3.22 -2.63
CA TRP A 283 22.17 -3.18 -4.09
C TRP A 283 22.78 -4.45 -4.69
N ALA A 284 22.87 -5.53 -3.90
CA ALA A 284 23.52 -6.76 -4.39
C ALA A 284 22.80 -7.35 -5.62
N PHE A 285 21.47 -7.37 -5.60
CA PHE A 285 20.71 -7.97 -6.72
C PHE A 285 20.83 -7.09 -7.95
N SER A 286 20.75 -5.78 -7.75
CA SER A 286 20.89 -4.80 -8.84
C SER A 286 22.20 -5.06 -9.57
N HIS A 287 23.28 -5.23 -8.81
CA HIS A 287 24.60 -5.39 -9.41
C HIS A 287 24.72 -6.69 -10.21
N VAL A 288 24.09 -7.76 -9.74
CA VAL A 288 24.04 -9.00 -10.52
C VAL A 288 23.25 -8.84 -11.82
N PHE A 289 22.06 -8.23 -11.74
CA PHE A 289 21.23 -8.07 -12.94
C PHE A 289 21.89 -7.14 -13.97
N VAL A 290 22.68 -6.18 -13.49
CA VAL A 290 23.36 -5.27 -14.42
C VAL A 290 24.32 -6.04 -15.34
N LYS A 291 24.87 -7.16 -14.86
CA LYS A 291 25.75 -8.00 -15.68
C LYS A 291 25.08 -8.49 -16.97
N PHE A 292 23.75 -8.62 -16.94
CA PHE A 292 22.97 -8.97 -18.15
C PHE A 292 23.19 -7.90 -19.22
N MET A 293 23.07 -6.62 -18.86
CA MET A 293 23.30 -5.55 -19.84
C MET A 293 24.77 -5.45 -20.21
N GLU A 294 25.65 -5.65 -19.24
CA GLU A 294 27.10 -5.52 -19.48
C GLU A 294 27.62 -6.52 -20.53
N ALA A 295 27.03 -7.72 -20.55
CA ALA A 295 27.39 -8.73 -21.55
C ALA A 295 27.19 -8.19 -22.98
N PHE A 296 26.22 -7.30 -23.13
CA PHE A 296 25.81 -6.80 -24.44
C PHE A 296 26.16 -5.32 -24.63
N GLY A 297 27.23 -4.85 -24.00
CA GLY A 297 27.81 -3.53 -24.35
C GLY A 297 27.63 -2.38 -23.39
N TYR A 298 26.75 -2.56 -22.40
CA TYR A 298 26.45 -1.47 -21.47
C TYR A 298 27.61 -1.13 -20.54
N THR A 299 27.80 0.16 -20.32
CA THR A 299 28.79 0.64 -19.38
C THR A 299 28.29 1.91 -18.69
N PHE A 300 28.48 2.00 -17.38
CA PHE A 300 28.06 3.16 -16.62
C PHE A 300 29.01 3.33 -15.45
N SER A 301 29.57 4.53 -15.29
CA SER A 301 30.50 4.80 -14.17
C SER A 301 29.83 5.65 -13.08
N GLY B 1 -26.81 23.53 12.18
CA GLY B 1 -25.71 22.86 11.39
C GLY B 1 -24.43 22.77 12.21
N PRO B 2 -24.12 21.57 12.75
CA PRO B 2 -23.12 21.50 13.82
C PRO B 2 -21.68 21.79 13.39
N ASN B 3 -20.95 22.53 14.23
CA ASN B 3 -19.50 22.64 14.10
C ASN B 3 -18.81 21.33 14.56
N ALA B 4 -19.34 20.69 15.59
CA ALA B 4 -18.90 19.35 15.99
C ALA B 4 -20.03 18.63 16.71
N ASN B 5 -20.01 17.30 16.67
CA ASN B 5 -21.02 16.51 17.34
C ASN B 5 -20.43 15.69 18.48
N PRO B 6 -21.28 15.23 19.41
CA PRO B 6 -20.79 14.35 20.47
C PRO B 6 -20.45 12.95 19.93
N ILE B 7 -19.37 12.37 20.46
CA ILE B 7 -19.04 10.96 20.22
C ILE B 7 -19.53 10.24 21.47
N PRO B 8 -20.21 9.09 21.32
CA PRO B 8 -20.71 8.39 22.50
C PRO B 8 -19.63 7.97 23.48
N GLU B 9 -20.02 7.83 24.74
CA GLU B 9 -19.12 7.39 25.81
C GLU B 9 -18.52 6.02 25.49
N HIS B 10 -19.31 5.14 24.88
CA HIS B 10 -18.83 3.85 24.38
C HIS B 10 -19.05 3.85 22.86
N PHE B 11 -17.98 3.92 22.09
CA PHE B 11 -18.11 4.17 20.66
C PHE B 11 -17.42 3.15 19.78
N PHE B 12 -17.90 3.07 18.53
CA PHE B 12 -17.27 2.26 17.49
C PHE B 12 -16.94 3.19 16.32
N ALA B 13 -15.64 3.35 16.03
CA ALA B 13 -15.16 4.29 15.00
C ALA B 13 -14.09 3.64 14.15
N PRO B 14 -14.52 2.81 13.19
CA PRO B 14 -13.54 2.01 12.43
C PRO B 14 -12.67 2.88 11.53
N TYR B 15 -11.49 2.36 11.18
CA TYR B 15 -10.54 3.11 10.37
C TYR B 15 -10.97 3.16 8.91
N ILE B 16 -10.81 4.34 8.28
CA ILE B 16 -10.97 4.51 6.82
C ILE B 16 -9.69 5.10 6.24
N ASP B 17 -9.08 4.40 5.27
CA ASP B 17 -7.92 4.93 4.56
C ASP B 17 -8.42 5.93 3.52
N MET B 18 -8.27 7.20 3.87
CA MET B 18 -8.83 8.33 3.11
C MET B 18 -8.19 8.48 1.74
N SER B 19 -7.00 7.91 1.58
CA SER B 19 -6.24 8.09 0.34
C SER B 19 -6.63 7.16 -0.81
N LEU B 20 -7.42 6.13 -0.53
CA LEU B 20 -7.77 5.13 -1.56
C LEU B 20 -8.62 5.74 -2.66
N SER B 21 -8.35 5.36 -3.90
CA SER B 21 -9.19 5.81 -5.02
C SER B 21 -10.67 5.41 -4.87
N VAL B 22 -10.93 4.25 -4.26
CA VAL B 22 -12.30 3.77 -4.02
C VAL B 22 -13.11 4.65 -3.05
N HIS B 23 -12.44 5.57 -2.36
CA HIS B 23 -13.05 6.32 -1.25
C HIS B 23 -14.44 6.90 -1.54
N LYS B 24 -15.45 6.44 -0.80
CA LYS B 24 -16.81 7.02 -0.83
C LYS B 24 -16.94 8.19 0.16
N PRO B 25 -17.94 9.09 -0.06
CA PRO B 25 -18.21 10.12 0.97
C PRO B 25 -18.46 9.49 2.35
N LEU B 26 -18.00 10.15 3.40
CA LEU B 26 -18.22 9.64 4.76
C LEU B 26 -19.68 9.39 5.06
N VAL B 27 -20.57 10.28 4.58
CA VAL B 27 -21.99 10.07 4.84
C VAL B 27 -22.53 8.79 4.23
N GLU B 28 -21.97 8.39 3.09
CA GLU B 28 -22.37 7.15 2.45
C GLU B 28 -21.87 5.94 3.25
N TYR B 29 -20.63 5.96 3.74
CA TYR B 29 -20.18 4.88 4.61
C TYR B 29 -21.04 4.77 5.87
N ALA B 30 -21.47 5.92 6.40
CA ALA B 30 -22.32 5.86 7.61
C ALA B 30 -23.59 5.07 7.33
N LYS B 31 -24.24 5.34 6.19
CA LYS B 31 -25.46 4.63 5.81
C LYS B 31 -25.24 3.13 5.60
N LEU B 32 -24.08 2.78 5.03
CA LEU B 32 -23.76 1.39 4.72
C LEU B 32 -23.30 0.60 5.93
N THR B 33 -22.42 1.19 6.74
CA THR B 33 -21.83 0.50 7.90
C THR B 33 -22.73 0.50 9.13
N GLY B 34 -23.59 1.51 9.22
CA GLY B 34 -24.44 1.68 10.40
C GLY B 34 -23.81 2.50 11.52
N THR B 35 -22.54 2.88 11.36
CA THR B 35 -21.91 3.79 12.32
C THR B 35 -21.67 5.15 11.69
N LYS B 36 -21.95 6.20 12.44
CA LYS B 36 -21.64 7.53 11.93
C LYS B 36 -20.37 8.13 12.55
N TYR B 37 -19.54 7.27 13.14
CA TYR B 37 -18.23 7.69 13.66
C TYR B 37 -17.14 6.92 12.97
N PHE B 38 -16.09 7.62 12.55
CA PHE B 38 -14.96 6.99 11.87
C PHE B 38 -13.66 7.58 12.34
N THR B 39 -12.60 6.76 12.26
CA THR B 39 -11.24 7.22 12.46
C THR B 39 -10.61 7.40 11.09
N LEU B 40 -10.24 8.63 10.77
CA LEU B 40 -9.77 8.96 9.42
C LEU B 40 -8.26 8.75 9.37
N ALA B 41 -7.80 7.89 8.47
CA ALA B 41 -6.39 7.50 8.42
C ALA B 41 -5.77 7.86 7.07
N PHE B 42 -4.50 8.28 7.00
CA PHE B 42 -3.65 8.69 8.12
C PHE B 42 -3.01 10.01 7.73
N ILE B 43 -2.81 10.89 8.70
CA ILE B 43 -2.00 12.08 8.49
C ILE B 43 -0.53 11.70 8.68
N LEU B 44 0.29 12.04 7.67
CA LEU B 44 1.74 11.85 7.72
C LEU B 44 2.46 13.14 7.31
N TYR B 45 3.78 13.12 7.42
CA TYR B 45 4.60 14.25 6.96
C TYR B 45 4.70 14.25 5.44
N SER B 46 4.40 15.40 4.82
CA SER B 46 4.66 15.63 3.39
C SER B 46 5.89 16.51 3.20
N SER B 47 6.84 16.06 2.38
CA SER B 47 8.01 16.89 2.07
C SER B 47 7.64 18.02 1.12
N VAL B 48 6.63 17.80 0.29
CA VAL B 48 6.13 18.81 -0.66
C VAL B 48 5.50 19.99 0.07
N TYR B 49 4.65 19.70 1.06
CA TYR B 49 3.99 20.73 1.85
C TYR B 49 4.73 21.09 3.14
N ASN B 50 5.80 20.36 3.44
CA ASN B 50 6.53 20.50 4.72
C ASN B 50 5.57 20.52 5.92
N GLY B 51 4.69 19.53 5.96
CA GLY B 51 3.67 19.51 7.00
C GLY B 51 2.71 18.35 6.80
N PRO B 52 1.60 18.36 7.55
CA PRO B 52 0.60 17.29 7.54
C PRO B 52 -0.11 17.14 6.19
N ALA B 53 -0.29 15.89 5.77
CA ALA B 53 -0.99 15.56 4.52
C ALA B 53 -1.49 14.13 4.63
N TRP B 54 -2.62 13.81 4.00
CA TRP B 54 -3.14 12.44 4.04
C TRP B 54 -2.24 11.53 3.22
N ALA B 55 -1.84 10.40 3.82
CA ALA B 55 -0.88 9.46 3.19
C ALA B 55 0.41 10.16 2.79
N GLY B 56 0.69 11.29 3.43
CA GLY B 56 1.90 12.07 3.13
C GLY B 56 1.91 12.81 1.79
N SER B 57 0.75 12.95 1.14
CA SER B 57 0.68 13.55 -0.20
C SER B 57 -0.57 14.39 -0.47
N ILE B 58 -1.72 13.96 0.06
CA ILE B 58 -3.00 14.65 -0.20
C ILE B 58 -3.16 15.88 0.69
N PRO B 59 -3.50 17.05 0.10
CA PRO B 59 -3.67 18.28 0.87
C PRO B 59 -4.54 18.06 2.12
N LEU B 60 -4.09 18.60 3.24
CA LEU B 60 -4.75 18.40 4.53
C LEU B 60 -6.25 18.69 4.47
N GLU B 61 -6.62 19.79 3.81
CA GLU B 61 -8.01 20.26 3.83
C GLU B 61 -8.95 19.50 2.88
N LYS B 62 -8.42 18.50 2.17
CA LYS B 62 -9.20 17.82 1.13
C LYS B 62 -10.56 17.29 1.58
N PHE B 63 -10.64 16.83 2.82
CA PHE B 63 -11.82 16.13 3.31
C PHE B 63 -12.70 16.95 4.25
N VAL B 64 -12.45 18.25 4.32
CA VAL B 64 -13.25 19.14 5.20
C VAL B 64 -14.75 19.09 4.83
N ASP B 65 -15.07 19.18 3.54
CA ASP B 65 -16.48 19.10 3.14
C ASP B 65 -17.14 17.78 3.49
N GLU B 66 -16.41 16.66 3.35
CA GLU B 66 -16.96 15.36 3.70
C GLU B 66 -17.28 15.27 5.19
N VAL B 67 -16.40 15.83 6.03
CA VAL B 67 -16.63 15.81 7.48
C VAL B 67 -17.82 16.71 7.82
N ARG B 68 -17.90 17.88 7.20
CA ARG B 68 -19.09 18.75 7.39
C ARG B 68 -20.38 18.02 7.05
N GLU B 69 -20.38 17.27 5.95
CA GLU B 69 -21.56 16.51 5.53
C GLU B 69 -21.90 15.38 6.50
N LEU B 70 -20.88 14.69 7.01
CA LEU B 70 -21.11 13.67 8.04
C LEU B 70 -21.73 14.29 9.30
N ARG B 71 -21.28 15.49 9.63
CA ARG B 71 -21.81 16.18 10.82
C ARG B 71 -23.29 16.54 10.67
N GLU B 72 -23.76 16.70 9.44
CA GLU B 72 -25.18 17.00 9.18
C GLU B 72 -26.11 15.87 9.56
N ILE B 73 -25.58 14.65 9.70
CA ILE B 73 -26.38 13.54 10.19
C ILE B 73 -26.02 13.16 11.64
N GLY B 74 -25.30 14.04 12.33
CA GLY B 74 -24.95 13.82 13.72
C GLY B 74 -23.65 13.04 13.90
N GLY B 75 -22.94 12.79 12.80
CA GLY B 75 -21.69 12.04 12.84
C GLY B 75 -20.48 12.86 13.29
N GLU B 76 -19.37 12.17 13.54
CA GLU B 76 -18.17 12.83 14.01
C GLU B 76 -16.98 11.94 13.73
N VAL B 77 -15.79 12.52 13.76
CA VAL B 77 -14.58 11.78 13.41
C VAL B 77 -13.48 11.87 14.45
N ILE B 78 -12.56 10.91 14.37
CA ILE B 78 -11.30 10.96 15.11
C ILE B 78 -10.27 11.03 13.98
N ILE B 79 -9.27 11.89 14.11
CA ILE B 79 -8.24 12.01 13.08
C ILE B 79 -6.98 11.28 13.53
N ALA B 80 -6.50 10.34 12.71
CA ALA B 80 -5.34 9.50 13.05
C ALA B 80 -4.07 9.93 12.33
N PHE B 81 -2.98 9.89 13.09
CA PHE B 81 -1.64 10.17 12.61
C PHE B 81 -0.90 8.86 12.64
N GLY B 82 -0.02 8.62 11.68
CA GLY B 82 0.88 7.46 11.81
C GLY B 82 0.43 6.26 11.01
N GLY B 83 0.40 5.09 11.65
CA GLY B 83 0.07 3.82 10.96
C GLY B 83 1.31 3.09 10.48
N ALA B 84 1.12 2.04 9.67
CA ALA B 84 2.25 1.16 9.31
C ALA B 84 3.27 1.83 8.38
N VAL B 85 2.83 2.81 7.59
CA VAL B 85 3.71 3.49 6.63
C VAL B 85 4.05 4.90 7.10
N GLY B 86 5.32 5.28 6.93
CA GLY B 86 5.79 6.61 7.37
C GLY B 86 5.83 7.57 6.20
N PRO B 87 6.43 8.77 6.40
CA PRO B 87 7.11 9.25 7.61
C PRO B 87 6.15 9.97 8.57
N TYR B 88 6.31 9.76 9.88
CA TYR B 88 5.43 10.41 10.85
C TYR B 88 5.84 11.86 11.05
N LEU B 89 4.85 12.71 11.31
CA LEU B 89 5.13 14.07 11.76
C LEU B 89 6.06 14.08 12.98
N CYS B 90 5.83 13.19 13.93
CA CYS B 90 6.62 13.20 15.18
C CYS B 90 8.06 12.72 14.98
N GLN B 91 8.34 12.07 13.86
CA GLN B 91 9.72 11.72 13.49
C GLN B 91 10.38 12.87 12.74
N GLN B 92 9.63 13.57 11.91
CA GLN B 92 10.21 14.63 11.08
C GLN B 92 10.41 15.96 11.81
N ALA B 93 9.52 16.30 12.75
CA ALA B 93 9.61 17.60 13.44
C ALA B 93 10.95 17.80 14.14
N SER B 94 11.56 18.97 13.97
CA SER B 94 12.85 19.27 14.60
C SER B 94 12.71 19.56 16.10
N THR B 95 11.57 20.10 16.48
CA THR B 95 11.33 20.48 17.87
C THR B 95 9.90 20.10 18.28
N PRO B 96 9.63 20.00 19.60
CA PRO B 96 8.24 19.78 20.03
C PRO B 96 7.31 20.92 19.64
N GLU B 97 7.85 22.14 19.55
CA GLU B 97 7.04 23.30 19.15
C GLU B 97 6.53 23.18 17.71
N GLN B 98 7.40 22.75 16.81
CA GLN B 98 7.02 22.52 15.42
C GLN B 98 5.98 21.39 15.34
N LEU B 99 6.21 20.33 16.10
CA LEU B 99 5.28 19.20 16.11
C LEU B 99 3.88 19.64 16.60
N ALA B 100 3.85 20.41 17.68
CA ALA B 100 2.58 20.93 18.22
C ALA B 100 1.87 21.82 17.23
N GLU B 101 2.62 22.69 16.54
CA GLU B 101 2.06 23.53 15.48
C GLU B 101 1.34 22.71 14.41
N TRP B 102 1.99 21.63 13.97
CA TRP B 102 1.41 20.73 12.98
C TRP B 102 0.14 20.04 13.49
N TYR B 103 0.16 19.50 14.71
CA TYR B 103 -1.05 18.87 15.27
C TYR B 103 -2.19 19.90 15.41
N ILE B 104 -1.85 21.10 15.88
CA ILE B 104 -2.86 22.14 16.05
C ILE B 104 -3.46 22.58 14.71
N LYS B 105 -2.64 22.61 13.66
CA LYS B 105 -3.16 22.93 12.32
C LYS B 105 -4.20 21.89 11.89
N VAL B 106 -3.95 20.61 12.17
CA VAL B 106 -4.94 19.55 11.89
C VAL B 106 -6.23 19.74 12.70
N ILE B 107 -6.09 19.95 14.00
CA ILE B 107 -7.25 20.24 14.87
C ILE B 107 -8.08 21.40 14.30
N ASP B 108 -7.41 22.49 13.97
CA ASP B 108 -8.11 23.70 13.56
C ASP B 108 -8.79 23.55 12.19
N THR B 109 -8.16 22.80 11.30
CA THR B 109 -8.69 22.62 9.95
C THR B 109 -9.99 21.82 9.96
N TYR B 110 -10.08 20.85 10.87
CA TYR B 110 -11.22 19.95 10.97
C TYR B 110 -12.20 20.24 12.11
N ASN B 111 -11.88 21.27 12.93
CA ASN B 111 -12.52 21.42 14.24
C ASN B 111 -12.53 20.07 14.97
N ALA B 112 -11.39 19.38 14.99
CA ALA B 112 -11.32 18.04 15.58
C ALA B 112 -11.52 18.09 17.09
N THR B 113 -12.14 17.03 17.63
CA THR B 113 -12.35 16.90 19.07
C THR B 113 -11.64 15.67 19.63
N TYR B 114 -10.97 14.92 18.76
CA TYR B 114 -10.33 13.66 19.16
C TYR B 114 -9.23 13.37 18.15
N LEU B 115 -8.01 13.16 18.64
CA LEU B 115 -6.87 12.77 17.79
C LEU B 115 -6.40 11.37 18.19
N ASP B 116 -5.91 10.63 17.20
CA ASP B 116 -5.40 9.28 17.44
C ASP B 116 -3.95 9.22 16.97
N PHE B 117 -3.04 8.89 17.88
CA PHE B 117 -1.62 8.77 17.57
C PHE B 117 -1.35 7.29 17.43
N ASP B 118 -1.29 6.86 16.17
CA ASP B 118 -1.18 5.45 15.82
C ASP B 118 0.29 5.17 15.52
N ILE B 119 1.00 4.69 16.53
CA ILE B 119 2.46 4.65 16.50
C ILE B 119 2.94 3.22 16.40
N ALA B 120 3.43 2.86 15.23
CA ALA B 120 3.86 1.49 14.93
C ALA B 120 5.32 1.45 14.49
N ALA B 121 6.12 2.34 15.06
CA ALA B 121 7.54 2.46 14.71
C ALA B 121 8.22 3.16 15.88
N GLY B 122 9.55 3.08 15.94
CA GLY B 122 10.30 3.75 16.99
C GLY B 122 10.12 5.25 16.89
N ILE B 123 9.83 5.90 18.02
CA ILE B 123 9.73 7.37 18.06
C ILE B 123 10.43 7.88 19.31
N ASP B 124 10.62 9.20 19.37
CA ASP B 124 11.13 9.88 20.55
C ASP B 124 9.92 10.25 21.42
N ALA B 125 9.60 9.43 22.42
CA ALA B 125 8.38 9.63 23.22
C ALA B 125 8.43 10.92 24.03
N ASP B 126 9.61 11.27 24.51
CA ASP B 126 9.75 12.50 25.30
C ASP B 126 9.41 13.73 24.46
N LYS B 127 9.86 13.74 23.20
CA LYS B 127 9.55 14.81 22.25
C LYS B 127 8.05 14.86 21.94
N LEU B 128 7.43 13.70 21.70
CA LEU B 128 5.98 13.66 21.48
C LEU B 128 5.24 14.22 22.70
N ALA B 129 5.64 13.81 23.90
CA ALA B 129 4.99 14.28 25.12
C ALA B 129 5.09 15.80 25.27
N ASP B 130 6.28 16.35 25.01
CA ASP B 130 6.47 17.81 25.07
C ASP B 130 5.55 18.54 24.08
N ALA B 131 5.39 17.97 22.89
CA ALA B 131 4.47 18.55 21.91
C ALA B 131 3.03 18.47 22.41
N LEU B 132 2.64 17.33 22.99
CA LEU B 132 1.25 17.17 23.42
C LEU B 132 0.92 18.01 24.65
N LEU B 133 1.93 18.32 25.46
CA LEU B 133 1.73 19.30 26.56
C LEU B 133 1.30 20.66 25.99
N ILE B 134 1.91 21.07 24.88
CA ILE B 134 1.50 22.31 24.21
C ILE B 134 0.09 22.18 23.63
N VAL B 135 -0.16 21.08 22.91
CA VAL B 135 -1.46 20.88 22.28
C VAL B 135 -2.60 20.92 23.31
N GLN B 136 -2.45 20.18 24.41
CA GLN B 136 -3.54 20.13 25.37
C GLN B 136 -3.72 21.46 26.09
N ARG B 137 -2.65 22.24 26.20
CA ARG B 137 -2.77 23.58 26.80
C ARG B 137 -3.57 24.51 25.89
N GLU B 138 -3.24 24.49 24.59
CA GLU B 138 -3.84 25.38 23.60
C GLU B 138 -5.23 24.96 23.17
N ARG B 139 -5.47 23.66 23.20
CA ARG B 139 -6.75 23.08 22.76
C ARG B 139 -7.25 22.08 23.80
N PRO B 140 -7.68 22.60 24.97
CA PRO B 140 -7.98 21.70 26.11
C PRO B 140 -9.24 20.81 25.97
N TRP B 141 -10.02 21.01 24.91
CA TRP B 141 -11.21 20.21 24.65
C TRP B 141 -10.96 18.98 23.75
N VAL B 142 -9.73 18.82 23.28
CA VAL B 142 -9.39 17.72 22.35
C VAL B 142 -8.88 16.51 23.11
N LYS B 143 -9.52 15.35 22.89
CA LYS B 143 -9.08 14.11 23.53
C LYS B 143 -7.95 13.45 22.74
N PHE B 144 -7.10 12.71 23.44
CA PHE B 144 -5.95 12.03 22.81
C PHE B 144 -6.11 10.52 22.97
N SER B 145 -6.01 9.82 21.85
CA SER B 145 -6.01 8.36 21.80
C SER B 145 -4.63 7.91 21.32
N PHE B 146 -4.19 6.76 21.84
CA PHE B 146 -2.93 6.16 21.41
C PHE B 146 -3.19 4.74 20.94
N THR B 147 -2.88 4.49 19.67
CA THR B 147 -3.15 3.20 19.04
C THR B 147 -1.81 2.54 18.77
N LEU B 148 -1.65 1.31 19.24
CA LEU B 148 -0.31 0.74 19.38
C LEU B 148 -0.30 -0.75 19.09
N PRO B 149 0.84 -1.28 18.59
CA PRO B 149 0.95 -2.73 18.41
C PRO B 149 0.78 -3.50 19.73
N SER B 150 0.26 -4.71 19.64
CA SER B 150 0.02 -5.51 20.84
C SER B 150 0.19 -6.99 20.55
N ASP B 151 0.31 -7.78 21.63
CA ASP B 151 0.58 -9.21 21.51
C ASP B 151 -0.01 -9.89 22.77
N PRO B 152 -0.64 -11.07 22.61
CA PRO B 152 -1.34 -11.67 23.75
C PRO B 152 -0.43 -12.20 24.85
N GLY B 153 0.89 -12.25 24.61
CA GLY B 153 1.83 -12.60 25.66
C GLY B 153 2.27 -11.43 26.52
N ILE B 154 2.08 -10.20 26.02
CA ILE B 154 2.71 -9.03 26.65
C ILE B 154 1.80 -7.80 26.82
N GLY B 155 0.70 -7.72 26.04
CA GLY B 155 -0.09 -6.49 25.96
C GLY B 155 0.60 -5.58 24.97
N LEU B 156 0.78 -4.31 25.35
CA LEU B 156 1.59 -3.39 24.55
C LEU B 156 3.06 -3.78 24.58
N ALA B 157 3.78 -3.48 23.50
CA ALA B 157 5.22 -3.75 23.44
C ALA B 157 5.99 -2.48 23.80
N GLY B 158 6.89 -2.03 22.93
CA GLY B 158 7.61 -0.76 23.13
C GLY B 158 6.70 0.46 23.27
N GLY B 159 5.53 0.38 22.66
CA GLY B 159 4.50 1.39 22.81
C GLY B 159 4.09 1.63 24.27
N TYR B 160 4.30 0.64 25.14
CA TYR B 160 4.00 0.83 26.56
C TYR B 160 4.82 1.99 27.13
N GLY B 161 6.05 2.14 26.65
CA GLY B 161 6.92 3.23 27.10
C GLY B 161 6.38 4.59 26.71
N ILE B 162 5.63 4.63 25.60
CA ILE B 162 4.99 5.89 25.20
C ILE B 162 3.93 6.29 26.22
N ILE B 163 3.08 5.34 26.63
CA ILE B 163 2.04 5.63 27.62
C ILE B 163 2.67 6.02 28.97
N GLU B 164 3.72 5.30 29.38
CA GLU B 164 4.42 5.64 30.63
C GLU B 164 4.91 7.09 30.59
N THR B 165 5.46 7.49 29.44
CA THR B 165 5.99 8.86 29.28
C THR B 165 4.87 9.91 29.35
N MET B 166 3.76 9.64 28.67
CA MET B 166 2.62 10.58 28.73
C MET B 166 2.16 10.76 30.17
N ALA B 167 2.02 9.66 30.90
CA ALA B 167 1.54 9.71 32.28
C ALA B 167 2.51 10.48 33.18
N LYS B 168 3.80 10.21 33.03
CA LYS B 168 4.83 10.85 33.87
C LYS B 168 4.88 12.34 33.60
N LYS B 169 4.66 12.71 32.34
CA LYS B 169 4.78 14.11 31.92
C LYS B 169 3.49 14.92 32.10
N GLY B 170 2.39 14.24 32.43
CA GLY B 170 1.12 14.91 32.66
C GLY B 170 0.32 15.20 31.38
N VAL B 171 0.59 14.41 30.34
CA VAL B 171 -0.22 14.46 29.11
C VAL B 171 -1.47 13.62 29.31
N ARG B 172 -2.63 14.18 28.95
CA ARG B 172 -3.89 13.43 29.04
C ARG B 172 -3.83 12.15 28.18
N VAL B 173 -4.38 11.06 28.72
CA VAL B 173 -4.50 9.81 27.96
C VAL B 173 -5.95 9.37 28.04
N ASP B 174 -6.73 9.67 27.00
CA ASP B 174 -8.17 9.39 27.02
C ASP B 174 -8.49 7.98 26.58
N ARG B 175 -7.61 7.42 25.76
CA ARG B 175 -7.86 6.13 25.12
C ARG B 175 -6.54 5.44 24.79
N VAL B 176 -6.48 4.17 25.12
CA VAL B 176 -5.33 3.31 24.79
C VAL B 176 -5.93 2.15 24.00
N ASN B 177 -5.51 2.04 22.73
CA ASN B 177 -6.21 1.24 21.75
C ASN B 177 -5.24 0.23 21.09
N PRO B 178 -4.98 -0.91 21.75
CA PRO B 178 -4.09 -1.92 21.16
C PRO B 178 -4.65 -2.48 19.86
N MET B 179 -3.77 -2.64 18.88
CA MET B 179 -4.14 -3.29 17.62
C MET B 179 -3.98 -4.79 17.81
N THR B 180 -5.12 -5.46 17.95
CA THR B 180 -5.18 -6.87 18.31
C THR B 180 -5.15 -7.68 17.01
N MET B 181 -3.96 -7.74 16.40
CA MET B 181 -3.81 -8.30 15.05
C MET B 181 -2.34 -8.64 14.83
N ASP B 182 -2.09 -9.52 13.85
CA ASP B 182 -0.75 -9.71 13.30
C ASP B 182 0.31 -10.09 14.34
N TYR B 183 0.01 -11.12 15.15
CA TYR B 183 0.95 -11.60 16.18
C TYR B 183 2.01 -12.51 15.58
N TYR B 184 1.65 -13.15 14.46
CA TYR B 184 2.54 -14.08 13.71
C TYR B 184 2.81 -15.43 14.37
N TRP B 185 2.93 -15.49 15.70
CA TRP B 185 3.17 -16.78 16.35
C TRP B 185 1.90 -17.45 16.89
N THR B 186 0.79 -16.71 16.88
CA THR B 186 -0.48 -17.19 17.39
C THR B 186 -1.58 -16.44 16.62
N PRO B 187 -2.77 -17.07 16.45
CA PRO B 187 -3.75 -16.44 15.54
C PRO B 187 -4.48 -15.21 16.09
N SER B 188 -4.91 -14.33 15.17
CA SER B 188 -5.73 -13.17 15.51
C SER B 188 -7.19 -13.54 15.67
N ASN B 189 -7.55 -13.98 16.86
CA ASN B 189 -8.93 -14.38 17.15
C ASN B 189 -9.47 -13.63 18.36
N ALA B 190 -10.68 -13.95 18.79
CA ALA B 190 -11.27 -13.24 19.93
C ALA B 190 -10.54 -13.57 21.25
N GLU B 191 -10.16 -14.83 21.41
CA GLU B 191 -9.48 -15.26 22.64
C GLU B 191 -8.19 -14.45 22.86
N ASN B 192 -7.42 -14.30 21.78
CA ASN B 192 -6.16 -13.56 21.90
C ASN B 192 -6.37 -12.06 22.04
N ALA B 193 -7.44 -11.53 21.43
CA ALA B 193 -7.75 -10.09 21.62
C ALA B 193 -8.11 -9.83 23.08
N ILE B 194 -8.86 -10.75 23.69
CA ILE B 194 -9.20 -10.65 25.11
C ILE B 194 -7.95 -10.76 26.00
N LYS B 195 -7.05 -11.67 25.64
CA LYS B 195 -5.76 -11.75 26.37
C LYS B 195 -4.99 -10.44 26.29
N VAL B 196 -4.92 -9.84 25.10
CA VAL B 196 -4.31 -8.52 24.97
C VAL B 196 -5.00 -7.51 25.89
N ALA B 197 -6.34 -7.48 25.86
CA ALA B 197 -7.08 -6.53 26.69
C ALA B 197 -6.73 -6.68 28.17
N GLU B 198 -6.65 -7.92 28.66
CA GLU B 198 -6.31 -8.18 30.06
C GLU B 198 -4.89 -7.72 30.40
N ASN B 199 -3.95 -7.92 29.48
CA ASN B 199 -2.57 -7.52 29.70
C ASN B 199 -2.43 -6.01 29.70
N VAL B 200 -3.17 -5.34 28.82
CA VAL B 200 -3.15 -3.87 28.76
C VAL B 200 -3.81 -3.30 30.03
N PHE B 201 -4.86 -3.95 30.51
CA PHE B 201 -5.49 -3.57 31.79
C PHE B 201 -4.43 -3.55 32.89
N ARG B 202 -3.66 -4.62 33.00
CA ARG B 202 -2.57 -4.70 33.99
C ARG B 202 -1.53 -3.59 33.78
N GLN B 203 -1.14 -3.36 32.53
CA GLN B 203 -0.18 -2.31 32.19
C GLN B 203 -0.66 -0.93 32.61
N LEU B 204 -1.94 -0.67 32.38
CA LEU B 204 -2.49 0.62 32.72
C LEU B 204 -2.68 0.79 34.24
N LYS B 205 -3.04 -0.29 34.92
CA LYS B 205 -3.13 -0.28 36.41
C LYS B 205 -1.78 -0.01 37.04
N GLN B 206 -0.73 -0.48 36.39
CA GLN B 206 0.63 -0.26 36.89
C GLN B 206 1.08 1.20 36.73
N ILE B 207 0.57 1.90 35.72
CA ILE B 207 0.85 3.32 35.57
C ILE B 207 -0.06 4.14 36.49
N TYR B 208 -1.34 3.78 36.54
CA TYR B 208 -2.37 4.52 37.27
C TYR B 208 -3.04 3.66 38.35
N PRO B 209 -2.31 3.35 39.46
CA PRO B 209 -2.87 2.43 40.46
C PRO B 209 -4.08 2.99 41.19
N GLU B 210 -4.25 4.31 41.13
CA GLU B 210 -5.36 4.99 41.81
C GLU B 210 -6.68 4.87 41.02
N LYS B 211 -6.62 4.45 39.76
CA LYS B 211 -7.86 4.30 38.98
C LYS B 211 -8.59 3.01 39.31
N SER B 212 -9.92 3.07 39.33
CA SER B 212 -10.76 1.90 39.54
C SER B 212 -10.68 0.96 38.34
N ASP B 213 -11.09 -0.30 38.54
CA ASP B 213 -11.16 -1.28 37.44
C ASP B 213 -11.99 -0.70 36.29
N GLU B 214 -13.12 -0.08 36.65
CA GLU B 214 -14.04 0.49 35.66
C GLU B 214 -13.39 1.63 34.87
N GLU B 215 -12.63 2.51 35.54
CA GLU B 215 -11.92 3.60 34.86
C GLU B 215 -10.87 3.06 33.89
N ILE B 216 -10.15 2.02 34.31
CA ILE B 216 -9.14 1.42 33.41
C ILE B 216 -9.84 0.83 32.17
N TRP B 217 -10.91 0.06 32.36
CA TRP B 217 -11.61 -0.53 31.20
C TRP B 217 -12.13 0.56 30.27
N LYS B 218 -12.60 1.67 30.83
CA LYS B 218 -13.12 2.78 30.05
C LYS B 218 -12.04 3.39 29.14
N MET B 219 -10.80 3.38 29.62
CA MET B 219 -9.64 3.91 28.87
C MET B 219 -9.29 3.02 27.69
N ILE B 220 -9.68 1.75 27.74
CA ILE B 220 -9.21 0.77 26.75
C ILE B 220 -10.15 0.70 25.54
N GLY B 221 -9.54 0.61 24.36
CA GLY B 221 -10.25 0.27 23.13
C GLY B 221 -9.55 -0.92 22.50
N LEU B 222 -10.24 -1.66 21.63
CA LEU B 222 -9.61 -2.76 20.91
C LEU B 222 -9.83 -2.61 19.42
N THR B 223 -8.77 -2.85 18.64
CA THR B 223 -8.82 -2.71 17.16
C THR B 223 -8.28 -3.97 16.47
N PRO B 224 -9.17 -4.92 16.09
CA PRO B 224 -8.70 -6.04 15.23
C PRO B 224 -8.58 -5.66 13.76
N MET B 225 -7.94 -6.56 13.00
CA MET B 225 -7.96 -6.50 11.55
C MET B 225 -8.99 -7.53 11.09
N ILE B 226 -10.05 -7.08 10.42
CA ILE B 226 -11.15 -8.00 10.11
C ILE B 226 -10.75 -9.02 9.04
N GLY B 227 -11.29 -10.23 9.16
CA GLY B 227 -11.01 -11.29 8.17
C GLY B 227 -9.53 -11.65 8.16
N VAL B 228 -8.98 -11.86 6.96
CA VAL B 228 -7.61 -12.36 6.87
C VAL B 228 -6.63 -11.27 7.34
N ASN B 229 -5.73 -11.65 8.24
CA ASN B 229 -4.67 -10.76 8.72
C ASN B 229 -3.41 -10.97 7.89
N ASP B 230 -2.43 -10.08 8.06
CA ASP B 230 -1.21 -10.16 7.25
C ASP B 230 -0.46 -11.47 7.48
N ASP B 231 -0.59 -12.03 8.67
CA ASP B 231 0.06 -13.32 8.97
C ASP B 231 -0.76 -14.53 8.51
N LYS B 232 -1.87 -14.25 7.82
CA LYS B 232 -2.77 -15.28 7.25
C LYS B 232 -3.70 -15.96 8.23
N SER B 233 -3.62 -15.65 9.53
CA SER B 233 -4.69 -16.04 10.44
C SER B 233 -5.94 -15.22 10.09
N VAL B 234 -7.10 -15.66 10.57
CA VAL B 234 -8.36 -14.99 10.20
C VAL B 234 -9.16 -14.61 11.45
N PHE B 235 -9.46 -13.31 11.57
CA PHE B 235 -10.38 -12.81 12.60
C PHE B 235 -11.78 -12.92 12.00
N THR B 236 -12.51 -13.95 12.43
CA THR B 236 -13.77 -14.31 11.78
C THR B 236 -14.95 -13.49 12.27
N LEU B 237 -16.10 -13.61 11.61
CA LEU B 237 -17.30 -12.93 12.08
C LEU B 237 -17.74 -13.44 13.46
N GLU B 238 -17.51 -14.73 13.72
CA GLU B 238 -17.76 -15.30 15.04
C GLU B 238 -16.82 -14.69 16.09
N ASP B 239 -15.55 -14.47 15.74
CA ASP B 239 -14.63 -13.74 16.63
C ASP B 239 -15.14 -12.33 16.91
N ALA B 240 -15.63 -11.65 15.87
CA ALA B 240 -16.20 -10.32 16.04
C ALA B 240 -17.35 -10.33 17.06
N GLN B 241 -18.28 -11.27 16.90
CA GLN B 241 -19.41 -11.36 17.82
C GLN B 241 -18.96 -11.64 19.27
N GLN B 242 -18.00 -12.56 19.43
CA GLN B 242 -17.47 -12.90 20.75
C GLN B 242 -16.81 -11.69 21.39
N LEU B 243 -16.02 -10.96 20.60
CA LEU B 243 -15.31 -9.79 21.11
C LEU B 243 -16.29 -8.69 21.51
N VAL B 244 -17.31 -8.47 20.67
CA VAL B 244 -18.34 -7.46 20.99
C VAL B 244 -19.05 -7.78 22.29
N ASP B 245 -19.42 -9.04 22.47
CA ASP B 245 -20.08 -9.45 23.72
C ASP B 245 -19.19 -9.27 24.95
N TRP B 246 -17.93 -9.63 24.81
CA TRP B 246 -16.94 -9.40 25.87
C TRP B 246 -16.81 -7.90 26.17
N ALA B 247 -16.75 -7.07 25.11
CA ALA B 247 -16.55 -5.62 25.26
C ALA B 247 -17.73 -4.94 25.95
N ILE B 248 -18.95 -5.39 25.61
CA ILE B 248 -20.15 -4.91 26.29
C ILE B 248 -20.14 -5.29 27.78
N GLN B 249 -19.82 -6.55 28.06
CA GLN B 249 -19.77 -7.03 29.45
C GLN B 249 -18.75 -6.28 30.30
N HIS B 250 -17.61 -5.94 29.71
CA HIS B 250 -16.56 -5.25 30.45
C HIS B 250 -16.63 -3.72 30.39
N LYS B 251 -17.60 -3.19 29.64
CA LYS B 251 -17.84 -1.74 29.52
C LYS B 251 -16.57 -0.99 29.13
N ILE B 252 -15.84 -1.53 28.15
CA ILE B 252 -14.65 -0.82 27.66
C ILE B 252 -15.07 0.42 26.87
N GLY B 253 -14.12 1.31 26.63
CA GLY B 253 -14.43 2.60 26.03
C GLY B 253 -14.81 2.53 24.56
N SER B 254 -14.15 1.65 23.82
CA SER B 254 -14.36 1.69 22.38
C SER B 254 -13.92 0.44 21.63
N LEU B 255 -14.41 0.33 20.40
CA LEU B 255 -13.93 -0.64 19.43
C LEU B 255 -13.68 0.07 18.12
N ALA B 256 -12.76 -0.47 17.34
CA ALA B 256 -12.55 -0.02 15.97
C ALA B 256 -12.05 -1.24 15.21
N PHE B 257 -11.92 -1.12 13.89
CA PHE B 257 -11.23 -2.20 13.17
C PHE B 257 -10.54 -1.67 11.93
N TRP B 258 -9.58 -2.46 11.42
CA TRP B 258 -8.96 -2.16 10.14
C TRP B 258 -9.58 -3.10 9.09
N SER B 259 -10.37 -2.60 8.13
CA SER B 259 -10.74 -1.19 7.92
C SER B 259 -12.09 -1.21 7.22
N VAL B 260 -12.68 -0.03 7.05
CA VAL B 260 -13.99 0.09 6.42
C VAL B 260 -13.97 -0.45 5.00
N ASP B 261 -12.96 -0.06 4.21
CA ASP B 261 -12.94 -0.50 2.81
C ASP B 261 -12.60 -1.97 2.63
N ARG B 262 -12.19 -2.63 3.71
CA ARG B 262 -12.00 -4.08 3.68
C ARG B 262 -13.24 -4.89 4.04
N ASP B 263 -14.33 -4.23 4.44
CA ASP B 263 -15.52 -4.98 4.89
C ASP B 263 -16.37 -5.49 3.70
N HIS B 264 -15.74 -6.30 2.85
CA HIS B 264 -16.36 -6.87 1.66
C HIS B 264 -15.82 -8.29 1.52
N PRO B 265 -16.66 -9.22 1.01
CA PRO B 265 -16.10 -10.55 0.75
C PRO B 265 -14.99 -10.50 -0.33
N GLY B 266 -14.07 -11.45 -0.27
CA GLY B 266 -13.02 -11.53 -1.27
C GLY B 266 -12.48 -12.94 -1.38
N PRO B 267 -11.61 -13.19 -2.38
CA PRO B 267 -11.01 -14.51 -2.54
C PRO B 267 -10.41 -14.96 -1.21
N THR B 268 -10.68 -16.21 -0.84
CA THR B 268 -10.26 -16.74 0.45
C THR B 268 -8.76 -16.62 0.68
N GLY B 269 -8.39 -16.05 1.83
CA GLY B 269 -7.01 -15.97 2.27
C GLY B 269 -6.15 -14.90 1.62
N GLU B 270 -6.77 -14.03 0.82
CA GLU B 270 -6.05 -12.95 0.15
C GLU B 270 -6.07 -11.65 0.95
N VAL B 271 -4.90 -11.08 1.18
CA VAL B 271 -4.77 -9.81 1.92
C VAL B 271 -4.85 -8.62 0.96
N SER B 272 -5.77 -7.71 1.22
CA SER B 272 -6.03 -6.57 0.34
C SER B 272 -6.53 -5.41 1.19
N PRO B 273 -6.31 -4.16 0.74
CA PRO B 273 -6.97 -3.01 1.40
C PRO B 273 -8.43 -2.80 0.97
N LEU B 274 -8.92 -3.66 0.06
CA LEU B 274 -10.23 -3.47 -0.59
C LEU B 274 -11.28 -4.55 -0.28
N HIS B 275 -10.87 -5.59 0.43
CA HIS B 275 -11.75 -6.69 0.87
C HIS B 275 -11.03 -7.43 1.98
N ARG B 276 -11.72 -8.35 2.65
CA ARG B 276 -11.14 -9.00 3.81
C ARG B 276 -10.84 -10.48 3.65
N GLY B 277 -10.94 -11.00 2.43
CA GLY B 277 -10.54 -12.39 2.17
C GLY B 277 -11.38 -13.43 2.88
N THR B 278 -12.62 -13.08 3.23
CA THR B 278 -13.59 -14.05 3.78
C THR B 278 -14.88 -13.99 2.97
N ASN B 279 -15.81 -14.87 3.30
CA ASN B 279 -17.06 -14.96 2.52
C ASN B 279 -18.23 -14.15 3.05
N ASP B 280 -18.04 -13.42 4.15
CA ASP B 280 -19.15 -12.68 4.77
C ASP B 280 -19.63 -11.54 3.87
N PRO B 281 -20.95 -11.30 3.82
CA PRO B 281 -21.45 -10.27 2.89
C PRO B 281 -20.99 -8.86 3.22
N ASP B 282 -21.16 -7.94 2.27
CA ASP B 282 -20.76 -6.54 2.45
C ASP B 282 -21.24 -5.99 3.80
N TRP B 283 -20.32 -5.33 4.51
CA TRP B 283 -20.63 -4.63 5.76
C TRP B 283 -20.99 -5.54 6.94
N ALA B 284 -20.78 -6.85 6.80
CA ALA B 284 -21.11 -7.79 7.89
C ALA B 284 -20.39 -7.49 9.21
N PHE B 285 -19.09 -7.20 9.15
CA PHE B 285 -18.36 -6.93 10.36
C PHE B 285 -18.80 -5.61 10.98
N SER B 286 -19.00 -4.59 10.15
CA SER B 286 -19.47 -3.29 10.63
C SER B 286 -20.75 -3.48 11.47
N HIS B 287 -21.71 -4.22 10.91
CA HIS B 287 -23.00 -4.42 11.58
C HIS B 287 -22.90 -5.13 12.93
N VAL B 288 -21.96 -6.07 13.04
CA VAL B 288 -21.70 -6.73 14.33
C VAL B 288 -21.09 -5.74 15.34
N PHE B 289 -20.09 -4.98 14.91
CA PHE B 289 -19.42 -4.04 15.81
C PHE B 289 -20.36 -2.94 16.29
N VAL B 290 -21.32 -2.53 15.46
CA VAL B 290 -22.28 -1.48 15.82
C VAL B 290 -23.08 -1.89 17.06
N LYS B 291 -23.28 -3.21 17.24
CA LYS B 291 -24.01 -3.73 18.39
C LYS B 291 -23.37 -3.31 19.73
N PHE B 292 -22.06 -3.11 19.74
CA PHE B 292 -21.37 -2.59 20.92
C PHE B 292 -21.92 -1.22 21.34
N MET B 293 -22.02 -0.30 20.38
CA MET B 293 -22.60 1.04 20.65
C MET B 293 -24.06 0.96 21.01
N GLU B 294 -24.80 0.11 20.32
CA GLU B 294 -26.24 -0.01 20.56
C GLU B 294 -26.54 -0.45 21.99
N ALA B 295 -25.67 -1.26 22.59
CA ALA B 295 -25.86 -1.66 23.99
C ALA B 295 -25.93 -0.45 24.93
N PHE B 296 -25.25 0.64 24.55
CA PHE B 296 -25.10 1.82 25.41
C PHE B 296 -25.80 3.08 24.86
N GLY B 297 -26.88 2.86 24.12
CA GLY B 297 -27.84 3.92 23.79
C GLY B 297 -27.90 4.37 22.33
N TYR B 298 -26.92 3.96 21.53
CA TYR B 298 -26.83 4.42 20.13
C TYR B 298 -27.97 3.87 19.27
N THR B 299 -28.52 4.72 18.43
CA THR B 299 -29.52 4.31 17.44
C THR B 299 -29.32 5.13 16.16
N PHE B 300 -29.43 4.46 15.01
CA PHE B 300 -29.25 5.10 13.72
C PHE B 300 -30.00 4.30 12.66
N SER B 301 -30.77 4.96 11.81
CA SER B 301 -31.52 4.23 10.76
C SER B 301 -31.25 4.73 9.33
C1 NAG C . -1.06 -17.05 -8.10
C2 NAG C . -0.99 -15.94 -9.17
C3 NAG C . -0.21 -14.73 -8.65
C4 NAG C . -0.70 -14.30 -7.27
C5 NAG C . -0.91 -15.52 -6.35
C6 NAG C . -1.54 -15.12 -5.02
C7 NAG C . -1.05 -16.59 -11.53
C8 NAG C . -0.26 -17.10 -12.71
N2 NAG C . -0.38 -16.44 -10.38
O1 NAG C . -1.74 -18.17 -8.59
O3 NAG C . -0.35 -13.67 -9.59
O4 NAG C . 0.24 -13.51 -6.55
O5 NAG C . -1.73 -16.52 -6.97
O6 NAG C . -2.84 -14.62 -5.25
O7 NAG C . -2.24 -16.31 -11.66
C1 NAG C . 0.31 -12.15 -6.93
C2 NAG C . 0.84 -11.34 -5.75
C3 NAG C . 1.09 -9.90 -6.17
C4 NAG C . 2.05 -9.87 -7.35
C5 NAG C . 1.45 -10.74 -8.47
C6 NAG C . 2.32 -10.90 -9.73
C7 NAG C . 0.10 -12.15 -3.56
C8 NAG C . -0.96 -12.03 -2.50
N2 NAG C . -0.10 -11.36 -4.62
O3 NAG C . 1.60 -9.13 -5.10
O4 NAG C . 2.16 -8.52 -7.74
O5 NAG C . 1.29 -12.06 -7.96
O6 NAG C . 1.66 -11.76 -10.65
O7 NAG C . 1.04 -12.94 -3.43
C1 NAG C . 3.49 -8.20 -8.19
C2 NAG C . 3.54 -6.75 -8.68
C3 NAG C . 3.49 -5.72 -7.53
C4 NAG C . 3.74 -6.39 -6.16
C5 NAG C . 4.84 -7.42 -6.31
C6 NAG C . 5.25 -8.08 -4.98
C7 NAG C . 4.86 -6.07 -10.62
C8 NAG C . 6.20 -6.04 -11.33
N2 NAG C . 4.80 -6.65 -9.43
O3 NAG C . 2.26 -5.05 -7.56
O4 NAG C . 4.24 -5.48 -5.20
O5 NAG C . 4.51 -8.45 -7.24
O6 NAG C . 4.10 -8.67 -4.38
O7 NAG C . 3.87 -5.60 -11.14
C1 NAG C . 3.29 -4.82 -4.40
C2 NAG C . 4.09 -4.22 -3.22
C3 NAG C . 3.25 -3.23 -2.40
C4 NAG C . 2.57 -2.21 -3.34
C5 NAG C . 1.80 -2.97 -4.41
C6 NAG C . 1.10 -2.03 -5.40
C7 NAG C . 5.85 -5.36 -1.91
C8 NAG C . 6.14 -6.47 -0.91
N2 NAG C . 4.58 -5.26 -2.31
O3 NAG C . 4.07 -2.54 -1.46
O4 NAG C . 1.60 -1.43 -2.65
O5 NAG C . 2.73 -3.76 -5.15
O6 NAG C . 0.54 -2.76 -6.48
O7 NAG C . 6.74 -4.63 -2.30
C1 NAG C . 2.16 -0.36 -1.87
C2 NAG C . 1.67 1.01 -2.34
C3 NAG C . 2.27 2.11 -1.45
C4 NAG C . 2.00 1.79 0.02
C5 NAG C . 2.34 0.35 0.40
C6 NAG C . 1.77 0.03 1.79
C7 NAG C . 1.07 1.41 -4.67
C8 NAG C . 1.59 1.65 -6.05
N2 NAG C . 2.01 1.25 -3.73
O3 NAG C . 1.71 3.37 -1.80
O4 NAG C . 2.74 2.66 0.86
O5 NAG C . 1.78 -0.57 -0.52
O6 NAG C . 2.13 -1.27 2.20
O7 NAG C . -0.15 1.36 -4.44
C1 NAG D . 4.62 -8.19 15.28
C2 NAG D . 4.28 -6.73 15.60
C3 NAG D . 3.31 -6.18 14.56
C4 NAG D . 3.82 -6.42 13.12
C5 NAG D . 4.34 -7.86 12.99
C6 NAG D . 5.02 -8.12 11.64
C7 NAG D . 4.31 -6.09 17.97
C8 NAG D . 3.55 -6.15 19.28
N2 NAG D . 3.70 -6.67 16.93
O1 NAG D . 5.53 -8.73 16.20
O3 NAG D . 3.04 -4.80 14.81
O4 NAG D . 2.77 -6.41 12.16
O5 NAG D . 5.25 -8.19 14.02
O6 NAG D . 6.16 -7.33 11.53
O7 NAG D . 5.40 -5.52 17.90
C1 NAG D . 2.33 -5.09 11.79
C2 NAG D . 1.77 -5.13 10.37
C3 NAG D . 1.12 -3.78 10.02
C4 NAG D . 0.07 -3.45 11.07
C5 NAG D . 0.77 -3.42 12.45
C6 NAG D . -0.16 -3.11 13.62
C7 NAG D . 2.92 -6.72 8.89
C8 NAG D . 4.05 -6.93 7.93
N2 NAG D . 2.80 -5.47 9.40
O3 NAG D . 0.60 -3.84 8.71
O4 NAG D . -0.45 -2.18 10.72
O5 NAG D . 1.34 -4.71 12.72
O6 NAG D . 0.53 -3.33 14.84
O7 NAG D . 2.18 -7.68 9.17
C1 NAG D . -1.87 -2.08 10.97
C2 NAG D . -2.35 -0.65 10.72
C3 NAG D . -2.43 -0.29 9.23
C4 NAG D . -2.32 -1.53 8.34
C5 NAG D . -3.14 -2.67 8.97
C6 NAG D . -3.18 -3.94 8.12
C7 NAG D . -3.94 0.50 12.09
C8 NAG D . -5.27 0.53 12.79
N2 NAG D . -3.65 -0.58 11.37
O3 NAG D . -1.41 0.64 8.95
O4 NAG D . -2.93 -1.36 7.07
O5 NAG D . -2.65 -3.02 10.26
O6 NAG D . -1.87 -4.46 7.88
O7 NAG D . -3.13 1.42 12.18
C1 NAG D . -2.10 -0.86 6.04
C2 NAG D . -2.85 -1.15 4.73
C3 NAG D . -2.22 -0.38 3.55
C4 NAG D . -2.02 1.11 3.91
C5 NAG D . -1.22 1.18 5.22
C6 NAG D . -1.03 2.62 5.68
C7 NAG D . -4.06 -3.25 4.30
C8 NAG D . -3.93 -4.73 4.03
N2 NAG D . -2.90 -2.58 4.47
O3 NAG D . -3.10 -0.49 2.45
O4 NAG D . -1.26 1.81 2.93
O5 NAG D . -1.97 0.52 6.21
O6 NAG D . -0.31 2.59 6.90
O7 NAG D . -5.18 -2.73 4.37
C1 NAG D . -2.06 2.23 1.80
C2 NAG D . -1.79 3.69 1.44
C3 NAG D . -2.60 4.04 0.18
C4 NAG D . -2.37 3.04 -0.94
C5 NAG D . -2.61 1.63 -0.41
C6 NAG D . -2.28 0.57 -1.47
C7 NAG D . -1.40 5.29 3.23
C8 NAG D . -2.04 6.03 4.36
N2 NAG D . -2.23 4.50 2.57
O3 NAG D . -2.27 5.33 -0.28
O4 NAG D . -3.25 3.37 -2.00
O5 NAG D . -1.78 1.40 0.69
O6 NAG D . -2.64 -0.70 -0.94
O7 NAG D . -0.21 5.44 2.96
MG MG E . -4.51 0.40 -17.13
S SO4 F . 8.78 -12.15 -40.42
O1 SO4 F . 9.76 -12.86 -39.59
O2 SO4 F . 9.33 -11.30 -41.50
O3 SO4 F . 7.88 -13.18 -41.03
O4 SO4 F . 7.92 -11.31 -39.55
MG MG G . 2.81 11.83 14.30
#